data_7SAO
# 
_entry.id   7SAO 
# 
_audit_conform.dict_name       mmcif_pdbx.dic 
_audit_conform.dict_version    5.397 
_audit_conform.dict_location   http://mmcif.pdb.org/dictionaries/ascii/mmcif_pdbx.dic 
# 
loop_
_database_2.database_id 
_database_2.database_code 
_database_2.pdbx_database_accession 
_database_2.pdbx_DOI 
PDB   7SAO         pdb_00007sao 10.2210/pdb7sao/pdb 
WWPDB D_1000259846 ?            ?                   
# 
loop_
_pdbx_audit_revision_history.ordinal 
_pdbx_audit_revision_history.data_content_type 
_pdbx_audit_revision_history.major_revision 
_pdbx_audit_revision_history.minor_revision 
_pdbx_audit_revision_history.revision_date 
1 'Structure model' 1 0 2022-08-03 
2 'Structure model' 1 1 2023-10-18 
3 'Structure model' 1 2 2024-10-30 
# 
_pdbx_audit_revision_details.ordinal             1 
_pdbx_audit_revision_details.revision_ordinal    1 
_pdbx_audit_revision_details.data_content_type   'Structure model' 
_pdbx_audit_revision_details.provider            repository 
_pdbx_audit_revision_details.type                'Initial release' 
_pdbx_audit_revision_details.description         ? 
_pdbx_audit_revision_details.details             ? 
# 
loop_
_pdbx_audit_revision_group.ordinal 
_pdbx_audit_revision_group.revision_ordinal 
_pdbx_audit_revision_group.data_content_type 
_pdbx_audit_revision_group.group 
1 2 'Structure model' 'Data collection'        
2 2 'Structure model' 'Refinement description' 
3 3 'Structure model' 'Structure summary'      
# 
loop_
_pdbx_audit_revision_category.ordinal 
_pdbx_audit_revision_category.revision_ordinal 
_pdbx_audit_revision_category.data_content_type 
_pdbx_audit_revision_category.category 
1 2 'Structure model' chem_comp_atom                
2 2 'Structure model' chem_comp_bond                
3 2 'Structure model' pdbx_initial_refinement_model 
4 3 'Structure model' pdbx_entry_details            
5 3 'Structure model' pdbx_modification_feature     
# 
_pdbx_audit_revision_item.ordinal             1 
_pdbx_audit_revision_item.revision_ordinal    3 
_pdbx_audit_revision_item.data_content_type   'Structure model' 
_pdbx_audit_revision_item.item                '_pdbx_entry_details.has_protein_modification' 
# 
_pdbx_database_status.status_code                     REL 
_pdbx_database_status.status_code_sf                  REL 
_pdbx_database_status.status_code_mr                  ? 
_pdbx_database_status.entry_id                        7SAO 
_pdbx_database_status.recvd_initial_deposition_date   2021-09-23 
_pdbx_database_status.SG_entry                        N 
_pdbx_database_status.deposit_site                    RCSB 
_pdbx_database_status.process_site                    RCSB 
_pdbx_database_status.status_code_cs                  ? 
_pdbx_database_status.status_code_nmr_data            ? 
_pdbx_database_status.methods_development_category    ? 
_pdbx_database_status.pdb_format_compatible           Y 
# 
loop_
_audit_author.name 
_audit_author.pdbx_ordinal 
_audit_author.identifier_ORCID 
'Gewe, M.M.'   1 0000-0001-9587-7283 
'Strong, R.K.' 2 0000-0002-1338-2189 
# 
_citation.abstract                  ? 
_citation.abstract_id_CAS           ? 
_citation.book_id_ISBN              ? 
_citation.book_publisher            ? 
_citation.book_publisher_city       ? 
_citation.book_title                ? 
_citation.coordinate_linkage        ? 
_citation.country                   US 
_citation.database_id_Medline       ? 
_citation.details                   ? 
_citation.id                        primary 
_citation.journal_abbrev            'Sci Transl Med' 
_citation.journal_id_ASTM           ? 
_citation.journal_id_CSD            ? 
_citation.journal_id_ISSN           1946-6242 
_citation.journal_full              ? 
_citation.journal_issue             ? 
_citation.journal_volume            14 
_citation.language                  ? 
_citation.page_first                eabn0402 
_citation.page_last                 eabn0402 
_citation.title                     'Ex silico engineering of cystine-dense peptides yielding a potent bispecific T cell engager.' 
_citation.year                      2022 
_citation.database_id_CSD           ? 
_citation.pdbx_database_id_DOI      10.1126/scitranslmed.abn0402 
_citation.pdbx_database_id_PubMed   35584229 
_citation.pdbx_database_id_patent   ? 
_citation.unpublished_flag          ? 
# 
loop_
_citation_author.citation_id 
_citation_author.name 
_citation_author.ordinal 
_citation_author.identifier_ORCID 
primary 'Crook, Z.R.'       1  0000-0002-1142-9748 
primary 'Girard, E.J.'      2  0000-0003-1857-0194 
primary 'Sevilla, G.P.'     3  0000-0002-6590-9413 
primary 'Brusniak, M.Y.'    4  0000-0003-3950-1614 
primary 'Rupert, P.B.'      5  0000-0003-1011-0302 
primary 'Friend, D.J.'      6  ?                   
primary 'Gewe, M.M.'        7  0000-0001-9587-7283 
primary 'Clarke, M.'        8  0000-0002-2402-108X 
primary 'Lin, I.'           9  ?                   
primary 'Ruff, R.'          10 0000-0002-7189-1221 
primary 'Pakiam, F.'        11 0000-0001-6292-1137 
primary 'Phi, T.D.'         12 ?                   
primary 'Bandaranayake, A.' 13 ?                   
primary 'Correnti, C.E.'    14 0000-0003-3710-9619 
primary 'Mhyre, A.J.'       15 0000-0002-9206-3150 
primary 'Nairn, N.W.'       16 0000-0003-1293-345X 
primary 'Strong, R.K.'      17 0000-0002-1338-2189 
primary 'Olson, J.M.'       18 0000-0001-5990-6534 
# 
loop_
_entity.id 
_entity.type 
_entity.src_method 
_entity.pdbx_description 
_entity.formula_weight 
_entity.pdbx_number_of_molecules 
_entity.pdbx_ec 
_entity.pdbx_mutation 
_entity.pdbx_fragment 
_entity.details 
1 polymer     man Pacifastin        3909.401 1  ? ? ? ? 
2 non-polymer syn 'COBALT (II) ION' 58.933   1  ? ? ? ? 
3 water       nat water             18.015   35 ? ? ? ? 
# 
_entity_poly.entity_id                      1 
_entity_poly.type                           'polypeptide(L)' 
_entity_poly.nstd_linkage                   no 
_entity_poly.nstd_monomer                   no 
_entity_poly.pdbx_seq_one_letter_code       GSSCTPGTTFRNRCNTCRCGSNGRSASCTLMACPPGSY 
_entity_poly.pdbx_seq_one_letter_code_can   GSSCTPGTTFRNRCNTCRCGSNGRSASCTLMACPPGSY 
_entity_poly.pdbx_strand_id                 A 
_entity_poly.pdbx_target_identifier         ? 
# 
loop_
_pdbx_entity_nonpoly.entity_id 
_pdbx_entity_nonpoly.name 
_pdbx_entity_nonpoly.comp_id 
2 'COBALT (II) ION' CO  
3 water             HOH 
# 
loop_
_entity_poly_seq.entity_id 
_entity_poly_seq.num 
_entity_poly_seq.mon_id 
_entity_poly_seq.hetero 
1 1  GLY n 
1 2  SER n 
1 3  SER n 
1 4  CYS n 
1 5  THR n 
1 6  PRO n 
1 7  GLY n 
1 8  THR n 
1 9  THR n 
1 10 PHE n 
1 11 ARG n 
1 12 ASN n 
1 13 ARG n 
1 14 CYS n 
1 15 ASN n 
1 16 THR n 
1 17 CYS n 
1 18 ARG n 
1 19 CYS n 
1 20 GLY n 
1 21 SER n 
1 22 ASN n 
1 23 GLY n 
1 24 ARG n 
1 25 SER n 
1 26 ALA n 
1 27 SER n 
1 28 CYS n 
1 29 THR n 
1 30 LEU n 
1 31 MET n 
1 32 ALA n 
1 33 CYS n 
1 34 PRO n 
1 35 PRO n 
1 36 GLY n 
1 37 SER n 
1 38 TYR n 
# 
_entity_src_gen.entity_id                          1 
_entity_src_gen.pdbx_src_id                        1 
_entity_src_gen.pdbx_alt_source_flag               sample 
_entity_src_gen.pdbx_seq_type                      'Biological sequence' 
_entity_src_gen.pdbx_beg_seq_num                   1 
_entity_src_gen.pdbx_end_seq_num                   38 
_entity_src_gen.gene_src_common_name               ? 
_entity_src_gen.gene_src_genus                     ? 
_entity_src_gen.pdbx_gene_src_gene                 ? 
_entity_src_gen.gene_src_species                   ? 
_entity_src_gen.gene_src_strain                    ? 
_entity_src_gen.gene_src_tissue                    ? 
_entity_src_gen.gene_src_tissue_fraction           ? 
_entity_src_gen.gene_src_details                   ? 
_entity_src_gen.pdbx_gene_src_fragment             ? 
_entity_src_gen.pdbx_gene_src_scientific_name      'Locusta migratoria' 
_entity_src_gen.pdbx_gene_src_ncbi_taxonomy_id     7004 
_entity_src_gen.pdbx_gene_src_variant              ? 
_entity_src_gen.pdbx_gene_src_cell_line            ? 
_entity_src_gen.pdbx_gene_src_atcc                 ? 
_entity_src_gen.pdbx_gene_src_organ                ? 
_entity_src_gen.pdbx_gene_src_organelle            ? 
_entity_src_gen.pdbx_gene_src_cell                 ? 
_entity_src_gen.pdbx_gene_src_cellular_location    ? 
_entity_src_gen.host_org_common_name               ? 
_entity_src_gen.pdbx_host_org_scientific_name      'Homo sapiens' 
_entity_src_gen.pdbx_host_org_ncbi_taxonomy_id     9606 
_entity_src_gen.host_org_genus                     ? 
_entity_src_gen.pdbx_host_org_gene                 ? 
_entity_src_gen.pdbx_host_org_organ                ? 
_entity_src_gen.host_org_species                   ? 
_entity_src_gen.pdbx_host_org_tissue               ? 
_entity_src_gen.pdbx_host_org_tissue_fraction      ? 
_entity_src_gen.pdbx_host_org_strain               ? 
_entity_src_gen.pdbx_host_org_variant              ? 
_entity_src_gen.pdbx_host_org_cell_line            ? 
_entity_src_gen.pdbx_host_org_atcc                 ? 
_entity_src_gen.pdbx_host_org_culture_collection   ? 
_entity_src_gen.pdbx_host_org_cell                 ? 
_entity_src_gen.pdbx_host_org_organelle            ? 
_entity_src_gen.pdbx_host_org_cellular_location    ? 
_entity_src_gen.pdbx_host_org_vector_type          ? 
_entity_src_gen.pdbx_host_org_vector               ? 
_entity_src_gen.host_org_details                   ? 
_entity_src_gen.expression_system_id               ? 
_entity_src_gen.plasmid_name                       ? 
_entity_src_gen.plasmid_details                    ? 
_entity_src_gen.pdbx_description                   ? 
# 
loop_
_chem_comp.id 
_chem_comp.type 
_chem_comp.mon_nstd_flag 
_chem_comp.name 
_chem_comp.pdbx_synonyms 
_chem_comp.formula 
_chem_comp.formula_weight 
ALA 'L-peptide linking' y ALANINE           ? 'C3 H7 N O2'     89.093  
ARG 'L-peptide linking' y ARGININE          ? 'C6 H15 N4 O2 1' 175.209 
ASN 'L-peptide linking' y ASPARAGINE        ? 'C4 H8 N2 O3'    132.118 
CO  non-polymer         . 'COBALT (II) ION' ? 'Co 2'           58.933  
CYS 'L-peptide linking' y CYSTEINE          ? 'C3 H7 N O2 S'   121.158 
GLY 'peptide linking'   y GLYCINE           ? 'C2 H5 N O2'     75.067  
HOH non-polymer         . WATER             ? 'H2 O'           18.015  
LEU 'L-peptide linking' y LEUCINE           ? 'C6 H13 N O2'    131.173 
MET 'L-peptide linking' y METHIONINE        ? 'C5 H11 N O2 S'  149.211 
PHE 'L-peptide linking' y PHENYLALANINE     ? 'C9 H11 N O2'    165.189 
PRO 'L-peptide linking' y PROLINE           ? 'C5 H9 N O2'     115.130 
SER 'L-peptide linking' y SERINE            ? 'C3 H7 N O3'     105.093 
THR 'L-peptide linking' y THREONINE         ? 'C4 H9 N O3'     119.119 
TYR 'L-peptide linking' y TYROSINE          ? 'C9 H11 N O3'    181.189 
# 
loop_
_pdbx_poly_seq_scheme.asym_id 
_pdbx_poly_seq_scheme.entity_id 
_pdbx_poly_seq_scheme.seq_id 
_pdbx_poly_seq_scheme.mon_id 
_pdbx_poly_seq_scheme.ndb_seq_num 
_pdbx_poly_seq_scheme.pdb_seq_num 
_pdbx_poly_seq_scheme.auth_seq_num 
_pdbx_poly_seq_scheme.pdb_mon_id 
_pdbx_poly_seq_scheme.auth_mon_id 
_pdbx_poly_seq_scheme.pdb_strand_id 
_pdbx_poly_seq_scheme.pdb_ins_code 
_pdbx_poly_seq_scheme.hetero 
A 1 1  GLY 1  -1 -1 GLY GLY A . n 
A 1 2  SER 2  0  0  SER SER A . n 
A 1 3  SER 3  1  1  SER SER A . n 
A 1 4  CYS 4  2  2  CYS CYS A . n 
A 1 5  THR 5  3  3  THR THR A . n 
A 1 6  PRO 6  4  4  PRO PRO A . n 
A 1 7  GLY 7  5  5  GLY GLY A . n 
A 1 8  THR 8  6  6  THR THR A . n 
A 1 9  THR 9  7  7  THR THR A . n 
A 1 10 PHE 10 8  8  PHE PHE A . n 
A 1 11 ARG 11 9  9  ARG ARG A . n 
A 1 12 ASN 12 10 10 ASN ASN A . n 
A 1 13 ARG 13 11 11 ARG ARG A . n 
A 1 14 CYS 14 12 12 CYS CYS A . n 
A 1 15 ASN 15 13 13 ASN ASN A . n 
A 1 16 THR 16 14 14 THR THR A . n 
A 1 17 CYS 17 15 15 CYS CYS A . n 
A 1 18 ARG 18 16 16 ARG ARG A . n 
A 1 19 CYS 19 17 17 CYS CYS A . n 
A 1 20 GLY 20 18 18 GLY GLY A . n 
A 1 21 SER 21 19 19 SER SER A . n 
A 1 22 ASN 22 20 20 ASN ASN A . n 
A 1 23 GLY 23 21 21 GLY GLY A . n 
A 1 24 ARG 24 22 22 ARG ARG A . n 
A 1 25 SER 25 23 23 SER SER A . n 
A 1 26 ALA 26 24 24 ALA ALA A . n 
A 1 27 SER 27 25 25 SER SER A . n 
A 1 28 CYS 28 26 26 CYS CYS A . n 
A 1 29 THR 29 27 27 THR THR A . n 
A 1 30 LEU 30 28 28 LEU LEU A . n 
A 1 31 MET 31 29 29 MET MET A . n 
A 1 32 ALA 32 30 30 ALA ALA A . n 
A 1 33 CYS 33 31 31 CYS CYS A . n 
A 1 34 PRO 34 32 32 PRO PRO A . n 
A 1 35 PRO 35 33 33 PRO PRO A . n 
A 1 36 GLY 36 34 34 GLY GLY A . n 
A 1 37 SER 37 35 35 SER SER A . n 
A 1 38 TYR 38 36 36 TYR TYR A . n 
# 
_pdbx_entity_instance_feature.ordinal        1 
_pdbx_entity_instance_feature.comp_id        CO 
_pdbx_entity_instance_feature.asym_id        ? 
_pdbx_entity_instance_feature.seq_num        ? 
_pdbx_entity_instance_feature.auth_comp_id   CO 
_pdbx_entity_instance_feature.auth_asym_id   ? 
_pdbx_entity_instance_feature.auth_seq_num   ? 
_pdbx_entity_instance_feature.feature_type   'SUBJECT OF INVESTIGATION' 
_pdbx_entity_instance_feature.details        ? 
# 
loop_
_pdbx_nonpoly_scheme.asym_id 
_pdbx_nonpoly_scheme.entity_id 
_pdbx_nonpoly_scheme.mon_id 
_pdbx_nonpoly_scheme.ndb_seq_num 
_pdbx_nonpoly_scheme.pdb_seq_num 
_pdbx_nonpoly_scheme.auth_seq_num 
_pdbx_nonpoly_scheme.pdb_mon_id 
_pdbx_nonpoly_scheme.auth_mon_id 
_pdbx_nonpoly_scheme.pdb_strand_id 
_pdbx_nonpoly_scheme.pdb_ins_code 
B 2 CO  1  101 1  CO  CO  A . 
C 3 HOH 1  201 4  HOH HOH A . 
C 3 HOH 2  202 16 HOH HOH A . 
C 3 HOH 3  203 31 HOH HOH A . 
C 3 HOH 4  204 30 HOH HOH A . 
C 3 HOH 5  205 10 HOH HOH A . 
C 3 HOH 6  206 3  HOH HOH A . 
C 3 HOH 7  207 25 HOH HOH A . 
C 3 HOH 8  208 13 HOH HOH A . 
C 3 HOH 9  209 8  HOH HOH A . 
C 3 HOH 10 210 21 HOH HOH A . 
C 3 HOH 11 211 5  HOH HOH A . 
C 3 HOH 12 212 12 HOH HOH A . 
C 3 HOH 13 213 9  HOH HOH A . 
C 3 HOH 14 214 14 HOH HOH A . 
C 3 HOH 15 215 24 HOH HOH A . 
C 3 HOH 16 216 1  HOH HOH A . 
C 3 HOH 17 217 6  HOH HOH A . 
C 3 HOH 18 218 34 HOH HOH A . 
C 3 HOH 19 219 32 HOH HOH A . 
C 3 HOH 20 220 2  HOH HOH A . 
C 3 HOH 21 221 23 HOH HOH A . 
C 3 HOH 22 222 15 HOH HOH A . 
C 3 HOH 23 223 7  HOH HOH A . 
C 3 HOH 24 224 28 HOH HOH A . 
C 3 HOH 25 225 20 HOH HOH A . 
C 3 HOH 26 226 36 HOH HOH A . 
C 3 HOH 27 227 22 HOH HOH A . 
C 3 HOH 28 228 18 HOH HOH A . 
C 3 HOH 29 229 26 HOH HOH A . 
C 3 HOH 30 230 27 HOH HOH A . 
C 3 HOH 31 231 35 HOH HOH A . 
C 3 HOH 32 232 29 HOH HOH A . 
C 3 HOH 33 233 33 HOH HOH A . 
C 3 HOH 34 234 11 HOH HOH A . 
C 3 HOH 35 235 19 HOH HOH A . 
# 
loop_
_pdbx_unobs_or_zero_occ_atoms.id 
_pdbx_unobs_or_zero_occ_atoms.PDB_model_num 
_pdbx_unobs_or_zero_occ_atoms.polymer_flag 
_pdbx_unobs_or_zero_occ_atoms.occupancy_flag 
_pdbx_unobs_or_zero_occ_atoms.auth_asym_id 
_pdbx_unobs_or_zero_occ_atoms.auth_comp_id 
_pdbx_unobs_or_zero_occ_atoms.auth_seq_id 
_pdbx_unobs_or_zero_occ_atoms.PDB_ins_code 
_pdbx_unobs_or_zero_occ_atoms.auth_atom_id 
_pdbx_unobs_or_zero_occ_atoms.label_alt_id 
_pdbx_unobs_or_zero_occ_atoms.label_asym_id 
_pdbx_unobs_or_zero_occ_atoms.label_comp_id 
_pdbx_unobs_or_zero_occ_atoms.label_seq_id 
_pdbx_unobs_or_zero_occ_atoms.label_atom_id 
1 1 Y 1 A ARG 9 ? CG  ? A ARG 11 CG  
2 1 Y 1 A ARG 9 ? CD  ? A ARG 11 CD  
3 1 Y 1 A ARG 9 ? NE  ? A ARG 11 NE  
4 1 Y 1 A ARG 9 ? CZ  ? A ARG 11 CZ  
5 1 Y 1 A ARG 9 ? NH1 ? A ARG 11 NH1 
6 1 Y 1 A ARG 9 ? NH2 ? A ARG 11 NH2 
# 
loop_
_software.citation_id 
_software.classification 
_software.compiler_name 
_software.compiler_version 
_software.contact_author 
_software.contact_author_email 
_software.date 
_software.description 
_software.dependencies 
_software.hardware 
_software.language 
_software.location 
_software.mods 
_software.name 
_software.os 
_software.os_version 
_software.type 
_software.version 
_software.pdbx_ordinal 
? 'data scaling'    ? ? ? ? ? ? ? ? ? ? ? HKL-2000    ? ? ? .        1 
? refinement        ? ? ? ? ? ? ? ? ? ? ? REFMAC      ? ? ? 5.8.0123 2 
? 'data extraction' ? ? ? ? ? ? ? ? ? ? ? PDB_EXTRACT ? ? ? 3.27     3 
? 'data reduction'  ? ? ? ? ? ? ? ? ? ? ? HKL-2000    ? ? ? .        4 
? phasing           ? ? ? ? ? ? ? ? ? ? ? PHASER      ? ? ? .        5 
# 
_cell.angle_alpha                  90.000 
_cell.angle_alpha_esd              ? 
_cell.angle_beta                   90.000 
_cell.angle_beta_esd               ? 
_cell.angle_gamma                  90.000 
_cell.angle_gamma_esd              ? 
_cell.entry_id                     7SAO 
_cell.details                      ? 
_cell.formula_units_Z              ? 
_cell.length_a                     33.162 
_cell.length_a_esd                 ? 
_cell.length_b                     78.077 
_cell.length_b_esd                 ? 
_cell.length_c                     27.736 
_cell.length_c_esd                 ? 
_cell.volume                       ? 
_cell.volume_esd                   ? 
_cell.Z_PDB                        8 
_cell.reciprocal_angle_alpha       ? 
_cell.reciprocal_angle_beta        ? 
_cell.reciprocal_angle_gamma       ? 
_cell.reciprocal_angle_alpha_esd   ? 
_cell.reciprocal_angle_beta_esd    ? 
_cell.reciprocal_angle_gamma_esd   ? 
_cell.reciprocal_length_a          ? 
_cell.reciprocal_length_b          ? 
_cell.reciprocal_length_c          ? 
_cell.reciprocal_length_a_esd      ? 
_cell.reciprocal_length_b_esd      ? 
_cell.reciprocal_length_c_esd      ? 
_cell.pdbx_unique_axis             ? 
# 
_symmetry.entry_id                         7SAO 
_symmetry.cell_setting                     ? 
_symmetry.Int_Tables_number                20 
_symmetry.space_group_name_Hall            ? 
_symmetry.space_group_name_H-M             'C 2 2 21' 
_symmetry.pdbx_full_space_group_name_H-M   ? 
# 
_exptl.absorpt_coefficient_mu     ? 
_exptl.absorpt_correction_T_max   ? 
_exptl.absorpt_correction_T_min   ? 
_exptl.absorpt_correction_type    ? 
_exptl.absorpt_process_details    ? 
_exptl.entry_id                   7SAO 
_exptl.crystals_number            1 
_exptl.details                    ? 
_exptl.method                     'X-RAY DIFFRACTION' 
_exptl.method_details             ? 
# 
_exptl_crystal.colour                      ? 
_exptl_crystal.density_diffrn              ? 
_exptl_crystal.density_Matthews            2.30 
_exptl_crystal.density_method              ? 
_exptl_crystal.density_percent_sol         46.43 
_exptl_crystal.description                 ? 
_exptl_crystal.F_000                       ? 
_exptl_crystal.id                          1 
_exptl_crystal.preparation                 ? 
_exptl_crystal.size_max                    ? 
_exptl_crystal.size_mid                    ? 
_exptl_crystal.size_min                    ? 
_exptl_crystal.size_rad                    ? 
_exptl_crystal.colour_lustre               ? 
_exptl_crystal.colour_modifier             ? 
_exptl_crystal.colour_primary              ? 
_exptl_crystal.density_meas                ? 
_exptl_crystal.density_meas_esd            ? 
_exptl_crystal.density_meas_gt             ? 
_exptl_crystal.density_meas_lt             ? 
_exptl_crystal.density_meas_temp           ? 
_exptl_crystal.density_meas_temp_esd       ? 
_exptl_crystal.density_meas_temp_gt        ? 
_exptl_crystal.density_meas_temp_lt        ? 
_exptl_crystal.pdbx_crystal_image_url      ? 
_exptl_crystal.pdbx_crystal_image_format   ? 
_exptl_crystal.pdbx_mosaicity              ? 
_exptl_crystal.pdbx_mosaicity_esd          ? 
# 
_exptl_crystal_grow.apparatus       ? 
_exptl_crystal_grow.atmosphere      ? 
_exptl_crystal_grow.crystal_id      1 
_exptl_crystal_grow.details         ? 
_exptl_crystal_grow.method          'VAPOR DIFFUSION, HANGING DROP' 
_exptl_crystal_grow.method_ref      ? 
_exptl_crystal_grow.pH              ? 
_exptl_crystal_grow.pressure        ? 
_exptl_crystal_grow.pressure_esd    ? 
_exptl_crystal_grow.seeding         ? 
_exptl_crystal_grow.seeding_ref     ? 
_exptl_crystal_grow.temp            293 
_exptl_crystal_grow.temp_details    ? 
_exptl_crystal_grow.temp_esd        ? 
_exptl_crystal_grow.time            ? 
_exptl_crystal_grow.pdbx_details    'JCSG+ Suite G15 (5 mM CoCl2, 5 mM CdCl2, 5 mM NiCl2, 0.1 M HEPES pH 7.5, 12% PEG 3350)' 
_exptl_crystal_grow.pdbx_pH_range   ? 
# 
_diffrn.ambient_environment              ? 
_diffrn.ambient_temp                     100 
_diffrn.ambient_temp_details             ? 
_diffrn.ambient_temp_esd                 ? 
_diffrn.crystal_id                       1 
_diffrn.crystal_support                  ? 
_diffrn.crystal_treatment                ? 
_diffrn.details                          ? 
_diffrn.id                               1 
_diffrn.ambient_pressure                 ? 
_diffrn.ambient_pressure_esd             ? 
_diffrn.ambient_pressure_gt              ? 
_diffrn.ambient_pressure_lt              ? 
_diffrn.ambient_temp_gt                  ? 
_diffrn.ambient_temp_lt                  ? 
_diffrn.pdbx_serial_crystal_experiment   N 
# 
_diffrn_detector.details                      ? 
_diffrn_detector.detector                     CCD 
_diffrn_detector.diffrn_id                    1 
_diffrn_detector.type                         'RIGAKU SATURN 944+' 
_diffrn_detector.area_resol_mean              ? 
_diffrn_detector.dtime                        ? 
_diffrn_detector.pdbx_frames_total            ? 
_diffrn_detector.pdbx_collection_time_total   ? 
_diffrn_detector.pdbx_collection_date         2016-10-07 
_diffrn_detector.pdbx_frequency               ? 
# 
_diffrn_radiation.collimation                      ? 
_diffrn_radiation.diffrn_id                        1 
_diffrn_radiation.filter_edge                      ? 
_diffrn_radiation.inhomogeneity                    ? 
_diffrn_radiation.monochromator                    ? 
_diffrn_radiation.polarisn_norm                    ? 
_diffrn_radiation.polarisn_ratio                   ? 
_diffrn_radiation.probe                            ? 
_diffrn_radiation.type                             ? 
_diffrn_radiation.xray_symbol                      ? 
_diffrn_radiation.wavelength_id                    1 
_diffrn_radiation.pdbx_monochromatic_or_laue_m_l   M 
_diffrn_radiation.pdbx_wavelength_list             ? 
_diffrn_radiation.pdbx_wavelength                  ? 
_diffrn_radiation.pdbx_diffrn_protocol             'SINGLE WAVELENGTH' 
_diffrn_radiation.pdbx_analyzer                    ? 
_diffrn_radiation.pdbx_scattering_type             x-ray 
# 
_diffrn_radiation_wavelength.id           1 
_diffrn_radiation_wavelength.wavelength   1.54 
_diffrn_radiation_wavelength.wt           1.0 
# 
_diffrn_source.current                     ? 
_diffrn_source.details                     ? 
_diffrn_source.diffrn_id                   1 
_diffrn_source.power                       ? 
_diffrn_source.size                        ? 
_diffrn_source.source                      'ROTATING ANODE' 
_diffrn_source.target                      ? 
_diffrn_source.type                        RIGAKU 
_diffrn_source.voltage                     ? 
_diffrn_source.take-off_angle              ? 
_diffrn_source.pdbx_wavelength_list        1.54 
_diffrn_source.pdbx_wavelength             ? 
_diffrn_source.pdbx_synchrotron_beamline   ? 
_diffrn_source.pdbx_synchrotron_site       ? 
# 
_reflns.B_iso_Wilson_estimate                          ? 
_reflns.entry_id                                       7SAO 
_reflns.data_reduction_details                         ? 
_reflns.data_reduction_method                          ? 
_reflns.d_resolution_high                              1.77 
_reflns.d_resolution_low                               39.04 
_reflns.details                                        ? 
_reflns.limit_h_max                                    ? 
_reflns.limit_h_min                                    ? 
_reflns.limit_k_max                                    ? 
_reflns.limit_k_min                                    ? 
_reflns.limit_l_max                                    ? 
_reflns.limit_l_min                                    ? 
_reflns.number_all                                     ? 
_reflns.number_obs                                     3176 
_reflns.observed_criterion                             ? 
_reflns.observed_criterion_F_max                       ? 
_reflns.observed_criterion_F_min                       ? 
_reflns.observed_criterion_I_max                       ? 
_reflns.observed_criterion_I_min                       ? 
_reflns.observed_criterion_sigma_F                     ? 
_reflns.observed_criterion_sigma_I                     ? 
_reflns.percent_possible_obs                           85 
_reflns.R_free_details                                 ? 
_reflns.Rmerge_F_all                                   ? 
_reflns.Rmerge_F_obs                                   ? 
_reflns.Friedel_coverage                               ? 
_reflns.number_gt                                      ? 
_reflns.threshold_expression                           ? 
_reflns.pdbx_redundancy                                6.3 
_reflns.pdbx_Rmerge_I_obs                              ? 
_reflns.pdbx_Rmerge_I_all                              ? 
_reflns.pdbx_Rsym_value                                ? 
_reflns.pdbx_netI_over_av_sigmaI                       ? 
_reflns.pdbx_netI_over_sigmaI                          30.48 
_reflns.pdbx_res_netI_over_av_sigmaI_2                 ? 
_reflns.pdbx_res_netI_over_sigmaI_2                    ? 
_reflns.pdbx_chi_squared                               ? 
_reflns.pdbx_scaling_rejects                           ? 
_reflns.pdbx_d_res_high_opt                            ? 
_reflns.pdbx_d_res_low_opt                             ? 
_reflns.pdbx_d_res_opt_method                          ? 
_reflns.phase_calculation_details                      ? 
_reflns.pdbx_Rrim_I_all                                0.054 
_reflns.pdbx_Rpim_I_all                                ? 
_reflns.pdbx_d_opt                                     ? 
_reflns.pdbx_number_measured_all                       ? 
_reflns.pdbx_diffrn_id                                 1 
_reflns.pdbx_ordinal                                   1 
_reflns.pdbx_CC_half                                   ? 
_reflns.pdbx_CC_star                                   ? 
_reflns.pdbx_R_split                                   ? 
_reflns.pdbx_aniso_diffraction_limit_axis_1_ortho[1]   ? 
_reflns.pdbx_aniso_diffraction_limit_axis_1_ortho[2]   ? 
_reflns.pdbx_aniso_diffraction_limit_axis_1_ortho[3]   ? 
_reflns.pdbx_aniso_diffraction_limit_axis_2_ortho[1]   ? 
_reflns.pdbx_aniso_diffraction_limit_axis_2_ortho[2]   ? 
_reflns.pdbx_aniso_diffraction_limit_axis_2_ortho[3]   ? 
_reflns.pdbx_aniso_diffraction_limit_axis_3_ortho[1]   ? 
_reflns.pdbx_aniso_diffraction_limit_axis_3_ortho[2]   ? 
_reflns.pdbx_aniso_diffraction_limit_axis_3_ortho[3]   ? 
_reflns.pdbx_aniso_diffraction_limit_1                 ? 
_reflns.pdbx_aniso_diffraction_limit_2                 ? 
_reflns.pdbx_aniso_diffraction_limit_3                 ? 
_reflns.pdbx_aniso_B_tensor_eigenvector_1_ortho[1]     ? 
_reflns.pdbx_aniso_B_tensor_eigenvector_1_ortho[2]     ? 
_reflns.pdbx_aniso_B_tensor_eigenvector_1_ortho[3]     ? 
_reflns.pdbx_aniso_B_tensor_eigenvector_2_ortho[1]     ? 
_reflns.pdbx_aniso_B_tensor_eigenvector_2_ortho[2]     ? 
_reflns.pdbx_aniso_B_tensor_eigenvector_2_ortho[3]     ? 
_reflns.pdbx_aniso_B_tensor_eigenvector_3_ortho[1]     ? 
_reflns.pdbx_aniso_B_tensor_eigenvector_3_ortho[2]     ? 
_reflns.pdbx_aniso_B_tensor_eigenvector_3_ortho[3]     ? 
_reflns.pdbx_aniso_B_tensor_eigenvalue_1               ? 
_reflns.pdbx_aniso_B_tensor_eigenvalue_2               ? 
_reflns.pdbx_aniso_B_tensor_eigenvalue_3               ? 
_reflns.pdbx_orthogonalization_convention              ? 
_reflns.pdbx_percent_possible_ellipsoidal              ? 
_reflns.pdbx_percent_possible_spherical                ? 
_reflns.pdbx_percent_possible_ellipsoidal_anomalous    ? 
_reflns.pdbx_percent_possible_spherical_anomalous      ? 
_reflns.pdbx_redundancy_anomalous                      ? 
_reflns.pdbx_CC_half_anomalous                         ? 
_reflns.pdbx_absDiff_over_sigma_anomalous              ? 
_reflns.pdbx_percent_possible_anomalous                ? 
_reflns.pdbx_observed_signal_threshold                 ? 
_reflns.pdbx_signal_type                               ? 
_reflns.pdbx_signal_details                            ? 
_reflns.pdbx_signal_software_id                        ? 
# 
_reflns_shell.d_res_high                                    1.77 
_reflns_shell.d_res_low                                     1.84 
_reflns_shell.meanI_over_sigI_all                           ? 
_reflns_shell.meanI_over_sigI_obs                           ? 
_reflns_shell.number_measured_all                           ? 
_reflns_shell.number_measured_obs                           ? 
_reflns_shell.number_possible                               ? 
_reflns_shell.number_unique_all                             ? 
_reflns_shell.number_unique_obs                             76 
_reflns_shell.percent_possible_all                          85 
_reflns_shell.percent_possible_obs                          ? 
_reflns_shell.Rmerge_F_all                                  ? 
_reflns_shell.Rmerge_F_obs                                  ? 
_reflns_shell.Rmerge_I_all                                  ? 
_reflns_shell.Rmerge_I_obs                                  0.149 
_reflns_shell.meanI_over_sigI_gt                            ? 
_reflns_shell.meanI_over_uI_all                             ? 
_reflns_shell.meanI_over_uI_gt                              ? 
_reflns_shell.number_measured_gt                            ? 
_reflns_shell.number_unique_gt                              ? 
_reflns_shell.percent_possible_gt                           ? 
_reflns_shell.Rmerge_F_gt                                   ? 
_reflns_shell.Rmerge_I_gt                                   ? 
_reflns_shell.pdbx_redundancy                               1.2 
_reflns_shell.pdbx_Rsym_value                               ? 
_reflns_shell.pdbx_chi_squared                              ? 
_reflns_shell.pdbx_netI_over_sigmaI_all                     ? 
_reflns_shell.pdbx_netI_over_sigmaI_obs                     ? 
_reflns_shell.pdbx_Rrim_I_all                               ? 
_reflns_shell.pdbx_Rpim_I_all                               ? 
_reflns_shell.pdbx_rejects                                  ? 
_reflns_shell.pdbx_ordinal                                  1 
_reflns_shell.pdbx_diffrn_id                                1 
_reflns_shell.pdbx_CC_half                                  ? 
_reflns_shell.pdbx_CC_star                                  ? 
_reflns_shell.pdbx_R_split                                  ? 
_reflns_shell.pdbx_percent_possible_ellipsoidal             ? 
_reflns_shell.pdbx_percent_possible_spherical               ? 
_reflns_shell.pdbx_percent_possible_ellipsoidal_anomalous   ? 
_reflns_shell.pdbx_percent_possible_spherical_anomalous     ? 
_reflns_shell.pdbx_redundancy_anomalous                     ? 
_reflns_shell.pdbx_CC_half_anomalous                        ? 
_reflns_shell.pdbx_absDiff_over_sigma_anomalous             ? 
_reflns_shell.pdbx_percent_possible_anomalous               ? 
# 
_refine.aniso_B[1][1]                            -0.2100 
_refine.aniso_B[1][2]                            0.0000 
_refine.aniso_B[1][3]                            0.0000 
_refine.aniso_B[2][2]                            -0.2200 
_refine.aniso_B[2][3]                            0.0000 
_refine.aniso_B[3][3]                            0.4300 
_refine.B_iso_max                                80.480 
_refine.B_iso_mean                               18.3360 
_refine.B_iso_min                                11.440 
_refine.correlation_coeff_Fo_to_Fc               0.9520 
_refine.correlation_coeff_Fo_to_Fc_free          0.9280 
_refine.details                                  
'HYDROGENS HAVE BEEN ADDED IN THE RIDING POSITIONS U VALUES      : REFINED INDIVIDUALLY' 
_refine.diff_density_max                         ? 
_refine.diff_density_max_esd                     ? 
_refine.diff_density_min                         ? 
_refine.diff_density_min_esd                     ? 
_refine.diff_density_rms                         ? 
_refine.diff_density_rms_esd                     ? 
_refine.entry_id                                 7SAO 
_refine.pdbx_refine_id                           'X-RAY DIFFRACTION' 
_refine.ls_abs_structure_details                 ? 
_refine.ls_abs_structure_Flack                   ? 
_refine.ls_abs_structure_Flack_esd               ? 
_refine.ls_abs_structure_Rogers                  ? 
_refine.ls_abs_structure_Rogers_esd              ? 
_refine.ls_d_res_high                            1.7700 
_refine.ls_d_res_low                             39.0400 
_refine.ls_extinction_coef                       ? 
_refine.ls_extinction_coef_esd                   ? 
_refine.ls_extinction_expression                 ? 
_refine.ls_extinction_method                     ? 
_refine.ls_goodness_of_fit_all                   ? 
_refine.ls_goodness_of_fit_all_esd               ? 
_refine.ls_goodness_of_fit_obs                   ? 
_refine.ls_goodness_of_fit_obs_esd               ? 
_refine.ls_hydrogen_treatment                    ? 
_refine.ls_matrix_type                           ? 
_refine.ls_number_constraints                    ? 
_refine.ls_number_parameters                     ? 
_refine.ls_number_reflns_all                     ? 
_refine.ls_number_reflns_obs                     3016 
_refine.ls_number_reflns_R_free                  160 
_refine.ls_number_reflns_R_work                  ? 
_refine.ls_number_restraints                     ? 
_refine.ls_percent_reflns_obs                    84.4500 
_refine.ls_percent_reflns_R_free                 5.0000 
_refine.ls_R_factor_all                          ? 
_refine.ls_R_factor_obs                          0.1767 
_refine.ls_R_factor_R_free                       0.2043 
_refine.ls_R_factor_R_free_error                 ? 
_refine.ls_R_factor_R_free_error_details         ? 
_refine.ls_R_factor_R_work                       0.1753 
_refine.ls_R_Fsqd_factor_obs                     ? 
_refine.ls_R_I_factor_obs                        ? 
_refine.ls_redundancy_reflns_all                 ? 
_refine.ls_redundancy_reflns_obs                 ? 
_refine.ls_restrained_S_all                      ? 
_refine.ls_restrained_S_obs                      ? 
_refine.ls_shift_over_esd_max                    ? 
_refine.ls_shift_over_esd_mean                   ? 
_refine.ls_structure_factor_coef                 ? 
_refine.ls_weighting_details                     ? 
_refine.ls_weighting_scheme                      ? 
_refine.ls_wR_factor_all                         ? 
_refine.ls_wR_factor_obs                         ? 
_refine.ls_wR_factor_R_free                      ? 
_refine.ls_wR_factor_R_work                      ? 
_refine.occupancy_max                            ? 
_refine.occupancy_min                            ? 
_refine.solvent_model_details                    MASK 
_refine.solvent_model_param_bsol                 ? 
_refine.solvent_model_param_ksol                 ? 
_refine.pdbx_R_complete                          ? 
_refine.ls_R_factor_gt                           ? 
_refine.ls_goodness_of_fit_gt                    ? 
_refine.ls_goodness_of_fit_ref                   ? 
_refine.ls_shift_over_su_max                     ? 
_refine.ls_shift_over_su_max_lt                  ? 
_refine.ls_shift_over_su_mean                    ? 
_refine.ls_shift_over_su_mean_lt                 ? 
_refine.pdbx_ls_sigma_I                          ? 
_refine.pdbx_ls_sigma_F                          0.000 
_refine.pdbx_ls_sigma_Fsqd                       ? 
_refine.pdbx_data_cutoff_high_absF               ? 
_refine.pdbx_data_cutoff_high_rms_absF           ? 
_refine.pdbx_data_cutoff_low_absF                ? 
_refine.pdbx_isotropic_thermal_model             ? 
_refine.pdbx_ls_cross_valid_method               THROUGHOUT 
_refine.pdbx_method_to_determine_struct          'MOLECULAR REPLACEMENT' 
_refine.pdbx_starting_model                      1GL1 
_refine.pdbx_stereochemistry_target_values       'MAXIMUM LIKELIHOOD' 
_refine.pdbx_R_Free_selection_details            RANDOM 
_refine.pdbx_stereochem_target_val_spec_case     ? 
_refine.pdbx_overall_ESU_R                       0.1400 
_refine.pdbx_overall_ESU_R_Free                  0.1250 
_refine.pdbx_solvent_vdw_probe_radii             1.2000 
_refine.pdbx_solvent_ion_probe_radii             0.8000 
_refine.pdbx_solvent_shrinkage_radii             0.8000 
_refine.pdbx_real_space_R                        ? 
_refine.pdbx_density_correlation                 ? 
_refine.pdbx_pd_number_of_powder_patterns        ? 
_refine.pdbx_pd_number_of_points                 ? 
_refine.pdbx_pd_meas_number_of_points            ? 
_refine.pdbx_pd_proc_ls_prof_R_factor            ? 
_refine.pdbx_pd_proc_ls_prof_wR_factor           ? 
_refine.pdbx_pd_Marquardt_correlation_coeff      ? 
_refine.pdbx_pd_Fsqrd_R_factor                   ? 
_refine.pdbx_pd_ls_matrix_band_width             ? 
_refine.pdbx_overall_phase_error                 ? 
_refine.pdbx_overall_SU_R_free_Cruickshank_DPI   ? 
_refine.pdbx_overall_SU_R_free_Blow_DPI          ? 
_refine.pdbx_overall_SU_R_Blow_DPI               ? 
_refine.pdbx_TLS_residual_ADP_flag               ? 
_refine.pdbx_diffrn_id                           1 
_refine.overall_SU_B                             1.9630 
_refine.overall_SU_ML                            0.0620 
_refine.overall_SU_R_Cruickshank_DPI             ? 
_refine.overall_SU_R_free                        ? 
_refine.overall_FOM_free_R_set                   ? 
_refine.overall_FOM_work_R_set                   ? 
_refine.pdbx_average_fsc_overall                 ? 
_refine.pdbx_average_fsc_work                    ? 
_refine.pdbx_average_fsc_free                    ? 
# 
_refine_hist.pdbx_refine_id                   'X-RAY DIFFRACTION' 
_refine_hist.cycle_id                         final 
_refine_hist.details                          ? 
_refine_hist.d_res_high                       1.7700 
_refine_hist.d_res_low                        39.0400 
_refine_hist.number_atoms_solvent             35 
_refine_hist.number_atoms_total               296 
_refine_hist.number_reflns_all                ? 
_refine_hist.number_reflns_obs                ? 
_refine_hist.number_reflns_R_free             ? 
_refine_hist.number_reflns_R_work             ? 
_refine_hist.R_factor_all                     ? 
_refine_hist.R_factor_obs                     ? 
_refine_hist.R_factor_R_free                  ? 
_refine_hist.R_factor_R_work                  ? 
_refine_hist.pdbx_number_residues_total       38 
_refine_hist.pdbx_B_iso_mean_ligand           17.00 
_refine_hist.pdbx_B_iso_mean_solvent          27.68 
_refine_hist.pdbx_number_atoms_protein        260 
_refine_hist.pdbx_number_atoms_nucleic_acid   0 
_refine_hist.pdbx_number_atoms_ligand         1 
_refine_hist.pdbx_number_atoms_lipid          ? 
_refine_hist.pdbx_number_atoms_carb           ? 
_refine_hist.pdbx_pseudo_atom_details         ? 
# 
loop_
_refine_ls_restr.pdbx_refine_id 
_refine_ls_restr.criterion 
_refine_ls_restr.dev_ideal 
_refine_ls_restr.dev_ideal_target 
_refine_ls_restr.number 
_refine_ls_restr.rejects 
_refine_ls_restr.type 
_refine_ls_restr.weight 
_refine_ls_restr.pdbx_restraint_function 
'X-RAY DIFFRACTION' ? 0.023  0.019  285 ? r_bond_refined_d       ? ? 
'X-RAY DIFFRACTION' ? 0.002  0.020  241 ? r_bond_other_d         ? ? 
'X-RAY DIFFRACTION' ? 2.381  1.958  390 ? r_angle_refined_deg    ? ? 
'X-RAY DIFFRACTION' ? 1.311  3.000  559 ? r_angle_other_deg      ? ? 
'X-RAY DIFFRACTION' ? 7.404  5.000  41  ? r_dihedral_angle_1_deg ? ? 
'X-RAY DIFFRACTION' ? 27.124 20.000 10  ? r_dihedral_angle_2_deg ? ? 
'X-RAY DIFFRACTION' ? 10.720 15.000 40  ? r_dihedral_angle_3_deg ? ? 
'X-RAY DIFFRACTION' ? 26.491 15.000 4   ? r_dihedral_angle_4_deg ? ? 
'X-RAY DIFFRACTION' ? 0.121  0.200  41  ? r_chiral_restr         ? ? 
'X-RAY DIFFRACTION' ? 0.011  0.021  346 ? r_gen_planes_refined   ? ? 
'X-RAY DIFFRACTION' ? 0.001  0.020  70  ? r_gen_planes_other     ? ? 
# 
_refine_ls_shell.pdbx_refine_id                   'X-RAY DIFFRACTION' 
_refine_ls_shell.d_res_high                       1.770 
_refine_ls_shell.d_res_low                        1.8140 
_refine_ls_shell.number_reflns_all                ? 
_refine_ls_shell.number_reflns_obs                ? 
_refine_ls_shell.number_reflns_R_free             1 
_refine_ls_shell.number_reflns_R_work             32 
_refine_ls_shell.percent_reflns_obs               12.3100 
_refine_ls_shell.percent_reflns_R_free            ? 
_refine_ls_shell.R_factor_all                     ? 
_refine_ls_shell.R_factor_obs                     ? 
_refine_ls_shell.R_factor_R_free                  0.4320 
_refine_ls_shell.R_factor_R_free_error            0.0000 
_refine_ls_shell.R_factor_R_work                  0.1930 
_refine_ls_shell.redundancy_reflns_all            ? 
_refine_ls_shell.redundancy_reflns_obs            ? 
_refine_ls_shell.wR_factor_all                    ? 
_refine_ls_shell.wR_factor_obs                    ? 
_refine_ls_shell.wR_factor_R_free                 ? 
_refine_ls_shell.wR_factor_R_work                 ? 
_refine_ls_shell.pdbx_R_complete                  ? 
_refine_ls_shell.pdbx_total_number_of_bins_used   ? 
_refine_ls_shell.pdbx_phase_error                 ? 
_refine_ls_shell.pdbx_fsc_work                    ? 
_refine_ls_shell.pdbx_fsc_free                    ? 
# 
_struct.entry_id                     7SAO 
_struct.title                        'The CTI-homolog pacifastin' 
_struct.pdbx_model_details           ? 
_struct.pdbx_formula_weight          ? 
_struct.pdbx_formula_weight_method   ? 
_struct.pdbx_model_type_details      ? 
_struct.pdbx_CASP_flag               N 
# 
_struct_keywords.entry_id        7SAO 
_struct_keywords.text            'CTI-homolog, pacifastin, CDP, cystine-dense peptides, TOXIN' 
_struct_keywords.pdbx_keywords   TOXIN 
# 
loop_
_struct_asym.id 
_struct_asym.pdbx_blank_PDB_chainid_flag 
_struct_asym.pdbx_modified 
_struct_asym.entity_id 
_struct_asym.details 
A N N 1 ? 
B N N 2 ? 
C N N 3 ? 
# 
_struct_ref.id                         1 
_struct_ref.db_name                    PDB 
_struct_ref.db_code                    7SAO 
_struct_ref.pdbx_db_accession          7SAO 
_struct_ref.pdbx_db_isoform            ? 
_struct_ref.entity_id                  1 
_struct_ref.pdbx_seq_one_letter_code   ? 
_struct_ref.pdbx_align_begin           1 
# 
_struct_ref_seq.align_id                      1 
_struct_ref_seq.ref_id                        1 
_struct_ref_seq.pdbx_PDB_id_code              7SAO 
_struct_ref_seq.pdbx_strand_id                A 
_struct_ref_seq.seq_align_beg                 1 
_struct_ref_seq.pdbx_seq_align_beg_ins_code   ? 
_struct_ref_seq.seq_align_end                 38 
_struct_ref_seq.pdbx_seq_align_end_ins_code   ? 
_struct_ref_seq.pdbx_db_accession             7SAO 
_struct_ref_seq.db_align_beg                  -1 
_struct_ref_seq.pdbx_db_align_beg_ins_code    ? 
_struct_ref_seq.db_align_end                  36 
_struct_ref_seq.pdbx_db_align_end_ins_code    ? 
_struct_ref_seq.pdbx_auth_seq_align_beg       -1 
_struct_ref_seq.pdbx_auth_seq_align_end       36 
# 
_pdbx_struct_assembly.id                   1 
_pdbx_struct_assembly.details              author_defined_assembly 
_pdbx_struct_assembly.method_details       ? 
_pdbx_struct_assembly.oligomeric_details   monomeric 
_pdbx_struct_assembly.oligomeric_count     1 
# 
_pdbx_struct_assembly_gen.assembly_id       1 
_pdbx_struct_assembly_gen.oper_expression   1 
_pdbx_struct_assembly_gen.asym_id_list      A,B,C 
# 
_pdbx_struct_assembly_auth_evidence.id                     1 
_pdbx_struct_assembly_auth_evidence.assembly_id            1 
_pdbx_struct_assembly_auth_evidence.experimental_support   none 
_pdbx_struct_assembly_auth_evidence.details                ? 
# 
_pdbx_struct_oper_list.id                   1 
_pdbx_struct_oper_list.type                 'identity operation' 
_pdbx_struct_oper_list.name                 1_555 
_pdbx_struct_oper_list.symmetry_operation   x,y,z 
_pdbx_struct_oper_list.matrix[1][1]         1.0000000000 
_pdbx_struct_oper_list.matrix[1][2]         0.0000000000 
_pdbx_struct_oper_list.matrix[1][3]         0.0000000000 
_pdbx_struct_oper_list.vector[1]            0.0000000000 
_pdbx_struct_oper_list.matrix[2][1]         0.0000000000 
_pdbx_struct_oper_list.matrix[2][2]         1.0000000000 
_pdbx_struct_oper_list.matrix[2][3]         0.0000000000 
_pdbx_struct_oper_list.vector[2]            0.0000000000 
_pdbx_struct_oper_list.matrix[3][1]         0.0000000000 
_pdbx_struct_oper_list.matrix[3][2]         0.0000000000 
_pdbx_struct_oper_list.matrix[3][3]         1.0000000000 
_pdbx_struct_oper_list.vector[3]            0.0000000000 
# 
loop_
_struct_conn.id 
_struct_conn.conn_type_id 
_struct_conn.pdbx_leaving_atom_flag 
_struct_conn.pdbx_PDB_id 
_struct_conn.ptnr1_label_asym_id 
_struct_conn.ptnr1_label_comp_id 
_struct_conn.ptnr1_label_seq_id 
_struct_conn.ptnr1_label_atom_id 
_struct_conn.pdbx_ptnr1_label_alt_id 
_struct_conn.pdbx_ptnr1_PDB_ins_code 
_struct_conn.pdbx_ptnr1_standard_comp_id 
_struct_conn.ptnr1_symmetry 
_struct_conn.ptnr2_label_asym_id 
_struct_conn.ptnr2_label_comp_id 
_struct_conn.ptnr2_label_seq_id 
_struct_conn.ptnr2_label_atom_id 
_struct_conn.pdbx_ptnr2_label_alt_id 
_struct_conn.pdbx_ptnr2_PDB_ins_code 
_struct_conn.ptnr1_auth_asym_id 
_struct_conn.ptnr1_auth_comp_id 
_struct_conn.ptnr1_auth_seq_id 
_struct_conn.ptnr2_auth_asym_id 
_struct_conn.ptnr2_auth_comp_id 
_struct_conn.ptnr2_auth_seq_id 
_struct_conn.ptnr2_symmetry 
_struct_conn.pdbx_ptnr3_label_atom_id 
_struct_conn.pdbx_ptnr3_label_seq_id 
_struct_conn.pdbx_ptnr3_label_comp_id 
_struct_conn.pdbx_ptnr3_label_asym_id 
_struct_conn.pdbx_ptnr3_label_alt_id 
_struct_conn.pdbx_ptnr3_PDB_ins_code 
_struct_conn.details 
_struct_conn.pdbx_dist_value 
_struct_conn.pdbx_value_order 
_struct_conn.pdbx_role 
disulf1 disulf ? ? A CYS 4  SG ? ? ? 1_555 A CYS 19 SG ? ? A CYS 2   A CYS 17  1_555 ? ? ? ? ? ? ? 2.024 ? ? 
disulf2 disulf ? ? A CYS 14 SG ? ? ? 1_555 A CYS 33 SG ? ? A CYS 12  A CYS 31  1_555 ? ? ? ? ? ? ? 2.018 ? ? 
disulf3 disulf ? ? A CYS 17 SG ? ? ? 1_555 A CYS 28 SG ? ? A CYS 15  A CYS 26  1_555 ? ? ? ? ? ? ? 2.035 ? ? 
metalc1 metalc ? ? A GLY 1  N  ? ? ? 1_555 B CO  .  CO ? ? A GLY -1  A CO  101 1_555 ? ? ? ? ? ? ? 2.172 ? ? 
metalc2 metalc ? ? A GLY 1  O  ? ? ? 1_555 B CO  .  CO ? ? A GLY -1  A CO  101 1_555 ? ? ? ? ? ? ? 2.063 ? ? 
metalc3 metalc ? ? A GLY 1  N  ? ? ? 1_555 B CO  .  CO ? ? A GLY -1  A CO  101 3_454 ? ? ? ? ? ? ? 2.168 ? ? 
metalc4 metalc ? ? A GLY 1  O  ? ? ? 1_555 B CO  .  CO ? ? A GLY -1  A CO  101 3_454 ? ? ? ? ? ? ? 2.072 ? ? 
metalc5 metalc ? ? B CO  .  CO ? ? ? 1_555 C HOH .  O  ? ? A CO  101 A HOH 209 1_555 ? ? ? ? ? ? ? 2.138 ? ? 
metalc6 metalc ? ? B CO  .  CO ? ? ? 1_555 C HOH .  O  ? ? A CO  101 A HOH 209 3_454 ? ? ? ? ? ? ? 2.133 ? ? 
# 
loop_
_struct_conn_type.id 
_struct_conn_type.criteria 
_struct_conn_type.reference 
disulf ? ? 
metalc ? ? 
# 
loop_
_pdbx_struct_conn_angle.id 
_pdbx_struct_conn_angle.ptnr1_label_atom_id 
_pdbx_struct_conn_angle.ptnr1_label_alt_id 
_pdbx_struct_conn_angle.ptnr1_label_asym_id 
_pdbx_struct_conn_angle.ptnr1_label_comp_id 
_pdbx_struct_conn_angle.ptnr1_label_seq_id 
_pdbx_struct_conn_angle.ptnr1_auth_atom_id 
_pdbx_struct_conn_angle.ptnr1_auth_asym_id 
_pdbx_struct_conn_angle.ptnr1_auth_comp_id 
_pdbx_struct_conn_angle.ptnr1_auth_seq_id 
_pdbx_struct_conn_angle.ptnr1_PDB_ins_code 
_pdbx_struct_conn_angle.ptnr1_symmetry 
_pdbx_struct_conn_angle.ptnr2_label_atom_id 
_pdbx_struct_conn_angle.ptnr2_label_alt_id 
_pdbx_struct_conn_angle.ptnr2_label_asym_id 
_pdbx_struct_conn_angle.ptnr2_label_comp_id 
_pdbx_struct_conn_angle.ptnr2_label_seq_id 
_pdbx_struct_conn_angle.ptnr2_auth_atom_id 
_pdbx_struct_conn_angle.ptnr2_auth_asym_id 
_pdbx_struct_conn_angle.ptnr2_auth_comp_id 
_pdbx_struct_conn_angle.ptnr2_auth_seq_id 
_pdbx_struct_conn_angle.ptnr2_PDB_ins_code 
_pdbx_struct_conn_angle.ptnr2_symmetry 
_pdbx_struct_conn_angle.ptnr3_label_atom_id 
_pdbx_struct_conn_angle.ptnr3_label_alt_id 
_pdbx_struct_conn_angle.ptnr3_label_asym_id 
_pdbx_struct_conn_angle.ptnr3_label_comp_id 
_pdbx_struct_conn_angle.ptnr3_label_seq_id 
_pdbx_struct_conn_angle.ptnr3_auth_atom_id 
_pdbx_struct_conn_angle.ptnr3_auth_asym_id 
_pdbx_struct_conn_angle.ptnr3_auth_comp_id 
_pdbx_struct_conn_angle.ptnr3_auth_seq_id 
_pdbx_struct_conn_angle.ptnr3_PDB_ins_code 
_pdbx_struct_conn_angle.ptnr3_symmetry 
_pdbx_struct_conn_angle.value 
_pdbx_struct_conn_angle.value_esd 
1  N ? A GLY 1 ? A GLY -1  ? 1_555 CO ? B CO . ? A CO 101 ? 1_555 O ? A GLY 1 ? A GLY -1  ? 1_555 78.6  ? 
2  N ? A GLY 1 ? A GLY -1  ? 1_555 CO ? B CO . ? A CO 101 ? 1_555 N ? A GLY 1 ? A GLY -1  ? 1_555 0.0   ? 
3  O ? A GLY 1 ? A GLY -1  ? 1_555 CO ? B CO . ? A CO 101 ? 1_555 N ? A GLY 1 ? A GLY -1  ? 1_555 78.6  ? 
4  N ? A GLY 1 ? A GLY -1  ? 1_555 CO ? B CO . ? A CO 101 ? 1_555 O ? A GLY 1 ? A GLY -1  ? 1_555 78.6  ? 
5  O ? A GLY 1 ? A GLY -1  ? 1_555 CO ? B CO . ? A CO 101 ? 1_555 O ? A GLY 1 ? A GLY -1  ? 1_555 0.0   ? 
6  N ? A GLY 1 ? A GLY -1  ? 1_555 CO ? B CO . ? A CO 101 ? 1_555 O ? A GLY 1 ? A GLY -1  ? 1_555 78.6  ? 
7  N ? A GLY 1 ? A GLY -1  ? 1_555 CO ? B CO . ? A CO 101 ? 1_555 O ? C HOH . ? A HOH 209 ? 1_555 87.2  ? 
8  O ? A GLY 1 ? A GLY -1  ? 1_555 CO ? B CO . ? A CO 101 ? 1_555 O ? C HOH . ? A HOH 209 ? 1_555 90.8  ? 
9  N ? A GLY 1 ? A GLY -1  ? 1_555 CO ? B CO . ? A CO 101 ? 1_555 O ? C HOH . ? A HOH 209 ? 1_555 87.2  ? 
10 O ? A GLY 1 ? A GLY -1  ? 1_555 CO ? B CO . ? A CO 101 ? 1_555 O ? C HOH . ? A HOH 209 ? 1_555 90.8  ? 
11 N ? A GLY 1 ? A GLY -1  ? 1_555 CO ? B CO . ? A CO 101 ? 1_555 O ? C HOH . ? A HOH 209 ? 3_454 169.1 ? 
12 O ? A GLY 1 ? A GLY -1  ? 1_555 CO ? B CO . ? A CO 101 ? 1_555 O ? C HOH . ? A HOH 209 ? 3_454 91.3  ? 
13 N ? A GLY 1 ? A GLY -1  ? 1_555 CO ? B CO . ? A CO 101 ? 1_555 O ? C HOH . ? A HOH 209 ? 3_454 169.1 ? 
14 O ? A GLY 1 ? A GLY -1  ? 1_555 CO ? B CO . ? A CO 101 ? 1_555 O ? C HOH . ? A HOH 209 ? 3_454 91.3  ? 
15 O ? C HOH . ? A HOH 209 ? 1_555 CO ? B CO . ? A CO 101 ? 1_555 O ? C HOH . ? A HOH 209 ? 3_454 89.1  ? 
# 
loop_
_pdbx_modification_feature.ordinal 
_pdbx_modification_feature.label_comp_id 
_pdbx_modification_feature.label_asym_id 
_pdbx_modification_feature.label_seq_id 
_pdbx_modification_feature.label_alt_id 
_pdbx_modification_feature.modified_residue_label_comp_id 
_pdbx_modification_feature.modified_residue_label_asym_id 
_pdbx_modification_feature.modified_residue_label_seq_id 
_pdbx_modification_feature.modified_residue_label_alt_id 
_pdbx_modification_feature.auth_comp_id 
_pdbx_modification_feature.auth_asym_id 
_pdbx_modification_feature.auth_seq_id 
_pdbx_modification_feature.PDB_ins_code 
_pdbx_modification_feature.symmetry 
_pdbx_modification_feature.modified_residue_auth_comp_id 
_pdbx_modification_feature.modified_residue_auth_asym_id 
_pdbx_modification_feature.modified_residue_auth_seq_id 
_pdbx_modification_feature.modified_residue_PDB_ins_code 
_pdbx_modification_feature.modified_residue_symmetry 
_pdbx_modification_feature.comp_id_linking_atom 
_pdbx_modification_feature.modified_residue_id_linking_atom 
_pdbx_modification_feature.modified_residue_id 
_pdbx_modification_feature.ref_pcm_id 
_pdbx_modification_feature.ref_comp_id 
_pdbx_modification_feature.type 
_pdbx_modification_feature.category 
1 CYS A 4  ? CYS A 19 ? CYS A 2  ? 1_555 CYS A 17 ? 1_555 SG SG . . . None 'Disulfide bridge' 
2 CYS A 14 ? CYS A 33 ? CYS A 12 ? 1_555 CYS A 31 ? 1_555 SG SG . . . None 'Disulfide bridge' 
3 CYS A 17 ? CYS A 28 ? CYS A 15 ? 1_555 CYS A 26 ? 1_555 SG SG . . . None 'Disulfide bridge' 
# 
_struct_sheet.id               AA1 
_struct_sheet.type             ? 
_struct_sheet.number_strands   3 
_struct_sheet.details          ? 
# 
loop_
_struct_sheet_order.sheet_id 
_struct_sheet_order.range_id_1 
_struct_sheet_order.range_id_2 
_struct_sheet_order.offset 
_struct_sheet_order.sense 
AA1 1 2 ? anti-parallel 
AA1 2 3 ? anti-parallel 
# 
loop_
_struct_sheet_range.sheet_id 
_struct_sheet_range.id 
_struct_sheet_range.beg_label_comp_id 
_struct_sheet_range.beg_label_asym_id 
_struct_sheet_range.beg_label_seq_id 
_struct_sheet_range.pdbx_beg_PDB_ins_code 
_struct_sheet_range.end_label_comp_id 
_struct_sheet_range.end_label_asym_id 
_struct_sheet_range.end_label_seq_id 
_struct_sheet_range.pdbx_end_PDB_ins_code 
_struct_sheet_range.beg_auth_comp_id 
_struct_sheet_range.beg_auth_asym_id 
_struct_sheet_range.beg_auth_seq_id 
_struct_sheet_range.end_auth_comp_id 
_struct_sheet_range.end_auth_asym_id 
_struct_sheet_range.end_auth_seq_id 
AA1 1 THR A 9  ? ASN A 12 ? THR A 7  ASN A 10 
AA1 2 ASN A 15 ? CYS A 19 ? ASN A 13 CYS A 17 
AA1 3 ALA A 26 ? CYS A 28 ? ALA A 24 CYS A 26 
# 
loop_
_pdbx_struct_sheet_hbond.sheet_id 
_pdbx_struct_sheet_hbond.range_id_1 
_pdbx_struct_sheet_hbond.range_id_2 
_pdbx_struct_sheet_hbond.range_1_label_atom_id 
_pdbx_struct_sheet_hbond.range_1_label_comp_id 
_pdbx_struct_sheet_hbond.range_1_label_asym_id 
_pdbx_struct_sheet_hbond.range_1_label_seq_id 
_pdbx_struct_sheet_hbond.range_1_PDB_ins_code 
_pdbx_struct_sheet_hbond.range_1_auth_atom_id 
_pdbx_struct_sheet_hbond.range_1_auth_comp_id 
_pdbx_struct_sheet_hbond.range_1_auth_asym_id 
_pdbx_struct_sheet_hbond.range_1_auth_seq_id 
_pdbx_struct_sheet_hbond.range_2_label_atom_id 
_pdbx_struct_sheet_hbond.range_2_label_comp_id 
_pdbx_struct_sheet_hbond.range_2_label_asym_id 
_pdbx_struct_sheet_hbond.range_2_label_seq_id 
_pdbx_struct_sheet_hbond.range_2_PDB_ins_code 
_pdbx_struct_sheet_hbond.range_2_auth_atom_id 
_pdbx_struct_sheet_hbond.range_2_auth_comp_id 
_pdbx_struct_sheet_hbond.range_2_auth_asym_id 
_pdbx_struct_sheet_hbond.range_2_auth_seq_id 
AA1 1 2 N PHE A 10 ? N PHE A 8  O CYS A 17 ? O CYS A 15 
AA1 2 3 N ARG A 18 ? N ARG A 16 O SER A 27 ? O SER A 25 
# 
_pdbx_entry_details.entry_id                   7SAO 
_pdbx_entry_details.has_ligand_of_interest     Y 
_pdbx_entry_details.compound_details           ? 
_pdbx_entry_details.source_details             ? 
_pdbx_entry_details.nonpolymer_details         ? 
_pdbx_entry_details.sequence_details           ? 
_pdbx_entry_details.has_protein_modification   Y 
# 
_pdbx_validate_symm_contact.id                1 
_pdbx_validate_symm_contact.PDB_model_num     1 
_pdbx_validate_symm_contact.auth_atom_id_1    O 
_pdbx_validate_symm_contact.auth_asym_id_1    A 
_pdbx_validate_symm_contact.auth_comp_id_1    HOH 
_pdbx_validate_symm_contact.auth_seq_id_1     216 
_pdbx_validate_symm_contact.PDB_ins_code_1    ? 
_pdbx_validate_symm_contact.label_alt_id_1    ? 
_pdbx_validate_symm_contact.site_symmetry_1   1_555 
_pdbx_validate_symm_contact.auth_atom_id_2    O 
_pdbx_validate_symm_contact.auth_asym_id_2    A 
_pdbx_validate_symm_contact.auth_comp_id_2    HOH 
_pdbx_validate_symm_contact.auth_seq_id_2     216 
_pdbx_validate_symm_contact.PDB_ins_code_2    ? 
_pdbx_validate_symm_contact.label_alt_id_2    ? 
_pdbx_validate_symm_contact.site_symmetry_2   3_554 
_pdbx_validate_symm_contact.dist              0.68 
# 
_pdbx_validate_rmsd_angle.id                         1 
_pdbx_validate_rmsd_angle.PDB_model_num              1 
_pdbx_validate_rmsd_angle.auth_atom_id_1             NE 
_pdbx_validate_rmsd_angle.auth_asym_id_1             A 
_pdbx_validate_rmsd_angle.auth_comp_id_1             ARG 
_pdbx_validate_rmsd_angle.auth_seq_id_1              11 
_pdbx_validate_rmsd_angle.PDB_ins_code_1             ? 
_pdbx_validate_rmsd_angle.label_alt_id_1             ? 
_pdbx_validate_rmsd_angle.auth_atom_id_2             CZ 
_pdbx_validate_rmsd_angle.auth_asym_id_2             A 
_pdbx_validate_rmsd_angle.auth_comp_id_2             ARG 
_pdbx_validate_rmsd_angle.auth_seq_id_2              11 
_pdbx_validate_rmsd_angle.PDB_ins_code_2             ? 
_pdbx_validate_rmsd_angle.label_alt_id_2             ? 
_pdbx_validate_rmsd_angle.auth_atom_id_3             NH2 
_pdbx_validate_rmsd_angle.auth_asym_id_3             A 
_pdbx_validate_rmsd_angle.auth_comp_id_3             ARG 
_pdbx_validate_rmsd_angle.auth_seq_id_3              11 
_pdbx_validate_rmsd_angle.PDB_ins_code_3             ? 
_pdbx_validate_rmsd_angle.label_alt_id_3             ? 
_pdbx_validate_rmsd_angle.angle_value                117.00 
_pdbx_validate_rmsd_angle.angle_target_value         120.30 
_pdbx_validate_rmsd_angle.angle_deviation            -3.30 
_pdbx_validate_rmsd_angle.angle_standard_deviation   0.50 
_pdbx_validate_rmsd_angle.linker_flag                N 
# 
loop_
_pdbx_validate_torsion.id 
_pdbx_validate_torsion.PDB_model_num 
_pdbx_validate_torsion.auth_comp_id 
_pdbx_validate_torsion.auth_asym_id 
_pdbx_validate_torsion.auth_seq_id 
_pdbx_validate_torsion.PDB_ins_code 
_pdbx_validate_torsion.label_alt_id 
_pdbx_validate_torsion.phi 
_pdbx_validate_torsion.psi 
1 1 ARG A 11 ? ? 55.43   -122.00 
2 1 CYS A 31 ? ? -117.09 70.36   
# 
loop_
_pdbx_struct_special_symmetry.id 
_pdbx_struct_special_symmetry.PDB_model_num 
_pdbx_struct_special_symmetry.auth_asym_id 
_pdbx_struct_special_symmetry.auth_comp_id 
_pdbx_struct_special_symmetry.auth_seq_id 
_pdbx_struct_special_symmetry.PDB_ins_code 
_pdbx_struct_special_symmetry.label_asym_id 
_pdbx_struct_special_symmetry.label_comp_id 
_pdbx_struct_special_symmetry.label_seq_id 
1 1 A CO  101 ? B CO  . 
2 1 A HOH 226 ? C HOH . 
# 
loop_
_chem_comp_atom.comp_id 
_chem_comp_atom.atom_id 
_chem_comp_atom.type_symbol 
_chem_comp_atom.pdbx_aromatic_flag 
_chem_comp_atom.pdbx_stereo_config 
_chem_comp_atom.pdbx_ordinal 
ALA N    N  N N 1   
ALA CA   C  N S 2   
ALA C    C  N N 3   
ALA O    O  N N 4   
ALA CB   C  N N 5   
ALA OXT  O  N N 6   
ALA H    H  N N 7   
ALA H2   H  N N 8   
ALA HA   H  N N 9   
ALA HB1  H  N N 10  
ALA HB2  H  N N 11  
ALA HB3  H  N N 12  
ALA HXT  H  N N 13  
ARG N    N  N N 14  
ARG CA   C  N S 15  
ARG C    C  N N 16  
ARG O    O  N N 17  
ARG CB   C  N N 18  
ARG CG   C  N N 19  
ARG CD   C  N N 20  
ARG NE   N  N N 21  
ARG CZ   C  N N 22  
ARG NH1  N  N N 23  
ARG NH2  N  N N 24  
ARG OXT  O  N N 25  
ARG H    H  N N 26  
ARG H2   H  N N 27  
ARG HA   H  N N 28  
ARG HB2  H  N N 29  
ARG HB3  H  N N 30  
ARG HG2  H  N N 31  
ARG HG3  H  N N 32  
ARG HD2  H  N N 33  
ARG HD3  H  N N 34  
ARG HE   H  N N 35  
ARG HH11 H  N N 36  
ARG HH12 H  N N 37  
ARG HH21 H  N N 38  
ARG HH22 H  N N 39  
ARG HXT  H  N N 40  
ASN N    N  N N 41  
ASN CA   C  N S 42  
ASN C    C  N N 43  
ASN O    O  N N 44  
ASN CB   C  N N 45  
ASN CG   C  N N 46  
ASN OD1  O  N N 47  
ASN ND2  N  N N 48  
ASN OXT  O  N N 49  
ASN H    H  N N 50  
ASN H2   H  N N 51  
ASN HA   H  N N 52  
ASN HB2  H  N N 53  
ASN HB3  H  N N 54  
ASN HD21 H  N N 55  
ASN HD22 H  N N 56  
ASN HXT  H  N N 57  
CO  CO   CO N N 58  
CYS N    N  N N 59  
CYS CA   C  N R 60  
CYS C    C  N N 61  
CYS O    O  N N 62  
CYS CB   C  N N 63  
CYS SG   S  N N 64  
CYS OXT  O  N N 65  
CYS H    H  N N 66  
CYS H2   H  N N 67  
CYS HA   H  N N 68  
CYS HB2  H  N N 69  
CYS HB3  H  N N 70  
CYS HG   H  N N 71  
CYS HXT  H  N N 72  
GLY N    N  N N 73  
GLY CA   C  N N 74  
GLY C    C  N N 75  
GLY O    O  N N 76  
GLY OXT  O  N N 77  
GLY H    H  N N 78  
GLY H2   H  N N 79  
GLY HA2  H  N N 80  
GLY HA3  H  N N 81  
GLY HXT  H  N N 82  
HOH O    O  N N 83  
HOH H1   H  N N 84  
HOH H2   H  N N 85  
LEU N    N  N N 86  
LEU CA   C  N S 87  
LEU C    C  N N 88  
LEU O    O  N N 89  
LEU CB   C  N N 90  
LEU CG   C  N N 91  
LEU CD1  C  N N 92  
LEU CD2  C  N N 93  
LEU OXT  O  N N 94  
LEU H    H  N N 95  
LEU H2   H  N N 96  
LEU HA   H  N N 97  
LEU HB2  H  N N 98  
LEU HB3  H  N N 99  
LEU HG   H  N N 100 
LEU HD11 H  N N 101 
LEU HD12 H  N N 102 
LEU HD13 H  N N 103 
LEU HD21 H  N N 104 
LEU HD22 H  N N 105 
LEU HD23 H  N N 106 
LEU HXT  H  N N 107 
MET N    N  N N 108 
MET CA   C  N S 109 
MET C    C  N N 110 
MET O    O  N N 111 
MET CB   C  N N 112 
MET CG   C  N N 113 
MET SD   S  N N 114 
MET CE   C  N N 115 
MET OXT  O  N N 116 
MET H    H  N N 117 
MET H2   H  N N 118 
MET HA   H  N N 119 
MET HB2  H  N N 120 
MET HB3  H  N N 121 
MET HG2  H  N N 122 
MET HG3  H  N N 123 
MET HE1  H  N N 124 
MET HE2  H  N N 125 
MET HE3  H  N N 126 
MET HXT  H  N N 127 
PHE N    N  N N 128 
PHE CA   C  N S 129 
PHE C    C  N N 130 
PHE O    O  N N 131 
PHE CB   C  N N 132 
PHE CG   C  Y N 133 
PHE CD1  C  Y N 134 
PHE CD2  C  Y N 135 
PHE CE1  C  Y N 136 
PHE CE2  C  Y N 137 
PHE CZ   C  Y N 138 
PHE OXT  O  N N 139 
PHE H    H  N N 140 
PHE H2   H  N N 141 
PHE HA   H  N N 142 
PHE HB2  H  N N 143 
PHE HB3  H  N N 144 
PHE HD1  H  N N 145 
PHE HD2  H  N N 146 
PHE HE1  H  N N 147 
PHE HE2  H  N N 148 
PHE HZ   H  N N 149 
PHE HXT  H  N N 150 
PRO N    N  N N 151 
PRO CA   C  N S 152 
PRO C    C  N N 153 
PRO O    O  N N 154 
PRO CB   C  N N 155 
PRO CG   C  N N 156 
PRO CD   C  N N 157 
PRO OXT  O  N N 158 
PRO H    H  N N 159 
PRO HA   H  N N 160 
PRO HB2  H  N N 161 
PRO HB3  H  N N 162 
PRO HG2  H  N N 163 
PRO HG3  H  N N 164 
PRO HD2  H  N N 165 
PRO HD3  H  N N 166 
PRO HXT  H  N N 167 
SER N    N  N N 168 
SER CA   C  N S 169 
SER C    C  N N 170 
SER O    O  N N 171 
SER CB   C  N N 172 
SER OG   O  N N 173 
SER OXT  O  N N 174 
SER H    H  N N 175 
SER H2   H  N N 176 
SER HA   H  N N 177 
SER HB2  H  N N 178 
SER HB3  H  N N 179 
SER HG   H  N N 180 
SER HXT  H  N N 181 
THR N    N  N N 182 
THR CA   C  N S 183 
THR C    C  N N 184 
THR O    O  N N 185 
THR CB   C  N R 186 
THR OG1  O  N N 187 
THR CG2  C  N N 188 
THR OXT  O  N N 189 
THR H    H  N N 190 
THR H2   H  N N 191 
THR HA   H  N N 192 
THR HB   H  N N 193 
THR HG1  H  N N 194 
THR HG21 H  N N 195 
THR HG22 H  N N 196 
THR HG23 H  N N 197 
THR HXT  H  N N 198 
TYR N    N  N N 199 
TYR CA   C  N S 200 
TYR C    C  N N 201 
TYR O    O  N N 202 
TYR CB   C  N N 203 
TYR CG   C  Y N 204 
TYR CD1  C  Y N 205 
TYR CD2  C  Y N 206 
TYR CE1  C  Y N 207 
TYR CE2  C  Y N 208 
TYR CZ   C  Y N 209 
TYR OH   O  N N 210 
TYR OXT  O  N N 211 
TYR H    H  N N 212 
TYR H2   H  N N 213 
TYR HA   H  N N 214 
TYR HB2  H  N N 215 
TYR HB3  H  N N 216 
TYR HD1  H  N N 217 
TYR HD2  H  N N 218 
TYR HE1  H  N N 219 
TYR HE2  H  N N 220 
TYR HH   H  N N 221 
TYR HXT  H  N N 222 
# 
loop_
_chem_comp_bond.comp_id 
_chem_comp_bond.atom_id_1 
_chem_comp_bond.atom_id_2 
_chem_comp_bond.value_order 
_chem_comp_bond.pdbx_aromatic_flag 
_chem_comp_bond.pdbx_stereo_config 
_chem_comp_bond.pdbx_ordinal 
ALA N   CA   sing N N 1   
ALA N   H    sing N N 2   
ALA N   H2   sing N N 3   
ALA CA  C    sing N N 4   
ALA CA  CB   sing N N 5   
ALA CA  HA   sing N N 6   
ALA C   O    doub N N 7   
ALA C   OXT  sing N N 8   
ALA CB  HB1  sing N N 9   
ALA CB  HB2  sing N N 10  
ALA CB  HB3  sing N N 11  
ALA OXT HXT  sing N N 12  
ARG N   CA   sing N N 13  
ARG N   H    sing N N 14  
ARG N   H2   sing N N 15  
ARG CA  C    sing N N 16  
ARG CA  CB   sing N N 17  
ARG CA  HA   sing N N 18  
ARG C   O    doub N N 19  
ARG C   OXT  sing N N 20  
ARG CB  CG   sing N N 21  
ARG CB  HB2  sing N N 22  
ARG CB  HB3  sing N N 23  
ARG CG  CD   sing N N 24  
ARG CG  HG2  sing N N 25  
ARG CG  HG3  sing N N 26  
ARG CD  NE   sing N N 27  
ARG CD  HD2  sing N N 28  
ARG CD  HD3  sing N N 29  
ARG NE  CZ   sing N N 30  
ARG NE  HE   sing N N 31  
ARG CZ  NH1  sing N N 32  
ARG CZ  NH2  doub N N 33  
ARG NH1 HH11 sing N N 34  
ARG NH1 HH12 sing N N 35  
ARG NH2 HH21 sing N N 36  
ARG NH2 HH22 sing N N 37  
ARG OXT HXT  sing N N 38  
ASN N   CA   sing N N 39  
ASN N   H    sing N N 40  
ASN N   H2   sing N N 41  
ASN CA  C    sing N N 42  
ASN CA  CB   sing N N 43  
ASN CA  HA   sing N N 44  
ASN C   O    doub N N 45  
ASN C   OXT  sing N N 46  
ASN CB  CG   sing N N 47  
ASN CB  HB2  sing N N 48  
ASN CB  HB3  sing N N 49  
ASN CG  OD1  doub N N 50  
ASN CG  ND2  sing N N 51  
ASN ND2 HD21 sing N N 52  
ASN ND2 HD22 sing N N 53  
ASN OXT HXT  sing N N 54  
CYS N   CA   sing N N 55  
CYS N   H    sing N N 56  
CYS N   H2   sing N N 57  
CYS CA  C    sing N N 58  
CYS CA  CB   sing N N 59  
CYS CA  HA   sing N N 60  
CYS C   O    doub N N 61  
CYS C   OXT  sing N N 62  
CYS CB  SG   sing N N 63  
CYS CB  HB2  sing N N 64  
CYS CB  HB3  sing N N 65  
CYS SG  HG   sing N N 66  
CYS OXT HXT  sing N N 67  
GLY N   CA   sing N N 68  
GLY N   H    sing N N 69  
GLY N   H2   sing N N 70  
GLY CA  C    sing N N 71  
GLY CA  HA2  sing N N 72  
GLY CA  HA3  sing N N 73  
GLY C   O    doub N N 74  
GLY C   OXT  sing N N 75  
GLY OXT HXT  sing N N 76  
HOH O   H1   sing N N 77  
HOH O   H2   sing N N 78  
LEU N   CA   sing N N 79  
LEU N   H    sing N N 80  
LEU N   H2   sing N N 81  
LEU CA  C    sing N N 82  
LEU CA  CB   sing N N 83  
LEU CA  HA   sing N N 84  
LEU C   O    doub N N 85  
LEU C   OXT  sing N N 86  
LEU CB  CG   sing N N 87  
LEU CB  HB2  sing N N 88  
LEU CB  HB3  sing N N 89  
LEU CG  CD1  sing N N 90  
LEU CG  CD2  sing N N 91  
LEU CG  HG   sing N N 92  
LEU CD1 HD11 sing N N 93  
LEU CD1 HD12 sing N N 94  
LEU CD1 HD13 sing N N 95  
LEU CD2 HD21 sing N N 96  
LEU CD2 HD22 sing N N 97  
LEU CD2 HD23 sing N N 98  
LEU OXT HXT  sing N N 99  
MET N   CA   sing N N 100 
MET N   H    sing N N 101 
MET N   H2   sing N N 102 
MET CA  C    sing N N 103 
MET CA  CB   sing N N 104 
MET CA  HA   sing N N 105 
MET C   O    doub N N 106 
MET C   OXT  sing N N 107 
MET CB  CG   sing N N 108 
MET CB  HB2  sing N N 109 
MET CB  HB3  sing N N 110 
MET CG  SD   sing N N 111 
MET CG  HG2  sing N N 112 
MET CG  HG3  sing N N 113 
MET SD  CE   sing N N 114 
MET CE  HE1  sing N N 115 
MET CE  HE2  sing N N 116 
MET CE  HE3  sing N N 117 
MET OXT HXT  sing N N 118 
PHE N   CA   sing N N 119 
PHE N   H    sing N N 120 
PHE N   H2   sing N N 121 
PHE CA  C    sing N N 122 
PHE CA  CB   sing N N 123 
PHE CA  HA   sing N N 124 
PHE C   O    doub N N 125 
PHE C   OXT  sing N N 126 
PHE CB  CG   sing N N 127 
PHE CB  HB2  sing N N 128 
PHE CB  HB3  sing N N 129 
PHE CG  CD1  doub Y N 130 
PHE CG  CD2  sing Y N 131 
PHE CD1 CE1  sing Y N 132 
PHE CD1 HD1  sing N N 133 
PHE CD2 CE2  doub Y N 134 
PHE CD2 HD2  sing N N 135 
PHE CE1 CZ   doub Y N 136 
PHE CE1 HE1  sing N N 137 
PHE CE2 CZ   sing Y N 138 
PHE CE2 HE2  sing N N 139 
PHE CZ  HZ   sing N N 140 
PHE OXT HXT  sing N N 141 
PRO N   CA   sing N N 142 
PRO N   CD   sing N N 143 
PRO N   H    sing N N 144 
PRO CA  C    sing N N 145 
PRO CA  CB   sing N N 146 
PRO CA  HA   sing N N 147 
PRO C   O    doub N N 148 
PRO C   OXT  sing N N 149 
PRO CB  CG   sing N N 150 
PRO CB  HB2  sing N N 151 
PRO CB  HB3  sing N N 152 
PRO CG  CD   sing N N 153 
PRO CG  HG2  sing N N 154 
PRO CG  HG3  sing N N 155 
PRO CD  HD2  sing N N 156 
PRO CD  HD3  sing N N 157 
PRO OXT HXT  sing N N 158 
SER N   CA   sing N N 159 
SER N   H    sing N N 160 
SER N   H2   sing N N 161 
SER CA  C    sing N N 162 
SER CA  CB   sing N N 163 
SER CA  HA   sing N N 164 
SER C   O    doub N N 165 
SER C   OXT  sing N N 166 
SER CB  OG   sing N N 167 
SER CB  HB2  sing N N 168 
SER CB  HB3  sing N N 169 
SER OG  HG   sing N N 170 
SER OXT HXT  sing N N 171 
THR N   CA   sing N N 172 
THR N   H    sing N N 173 
THR N   H2   sing N N 174 
THR CA  C    sing N N 175 
THR CA  CB   sing N N 176 
THR CA  HA   sing N N 177 
THR C   O    doub N N 178 
THR C   OXT  sing N N 179 
THR CB  OG1  sing N N 180 
THR CB  CG2  sing N N 181 
THR CB  HB   sing N N 182 
THR OG1 HG1  sing N N 183 
THR CG2 HG21 sing N N 184 
THR CG2 HG22 sing N N 185 
THR CG2 HG23 sing N N 186 
THR OXT HXT  sing N N 187 
TYR N   CA   sing N N 188 
TYR N   H    sing N N 189 
TYR N   H2   sing N N 190 
TYR CA  C    sing N N 191 
TYR CA  CB   sing N N 192 
TYR CA  HA   sing N N 193 
TYR C   O    doub N N 194 
TYR C   OXT  sing N N 195 
TYR CB  CG   sing N N 196 
TYR CB  HB2  sing N N 197 
TYR CB  HB3  sing N N 198 
TYR CG  CD1  doub Y N 199 
TYR CG  CD2  sing Y N 200 
TYR CD1 CE1  sing Y N 201 
TYR CD1 HD1  sing N N 202 
TYR CD2 CE2  doub Y N 203 
TYR CD2 HD2  sing N N 204 
TYR CE1 CZ   doub Y N 205 
TYR CE1 HE1  sing N N 206 
TYR CE2 CZ   sing Y N 207 
TYR CE2 HE2  sing N N 208 
TYR CZ  OH   sing N N 209 
TYR OH  HH   sing N N 210 
TYR OXT HXT  sing N N 211 
# 
_pdbx_audit_support.funding_organization   'Not funded' 
_pdbx_audit_support.country                ? 
_pdbx_audit_support.grant_number           ? 
_pdbx_audit_support.ordinal                1 
# 
_pdbx_initial_refinement_model.id               1 
_pdbx_initial_refinement_model.entity_id_list   ? 
_pdbx_initial_refinement_model.type             'experimental model' 
_pdbx_initial_refinement_model.source_name      PDB 
_pdbx_initial_refinement_model.accession_code   1GL1 
_pdbx_initial_refinement_model.details          ? 
# 
_atom_sites.entry_id                    7SAO 
_atom_sites.Cartn_transf_matrix[1][1]   ? 
_atom_sites.Cartn_transf_matrix[1][2]   ? 
_atom_sites.Cartn_transf_matrix[1][3]   ? 
_atom_sites.Cartn_transf_matrix[2][1]   ? 
_atom_sites.Cartn_transf_matrix[2][2]   ? 
_atom_sites.Cartn_transf_matrix[2][3]   ? 
_atom_sites.Cartn_transf_matrix[3][1]   ? 
_atom_sites.Cartn_transf_matrix[3][2]   ? 
_atom_sites.Cartn_transf_matrix[3][3]   ? 
_atom_sites.Cartn_transf_vector[1]      ? 
_atom_sites.Cartn_transf_vector[2]      ? 
_atom_sites.Cartn_transf_vector[3]      ? 
_atom_sites.fract_transf_matrix[1][1]   -0.02476300 
_atom_sites.fract_transf_matrix[1][2]   -0.00987953 
_atom_sites.fract_transf_matrix[1][3]   -0.01408945 
_atom_sites.fract_transf_matrix[2][1]   -0.00164961 
_atom_sites.fract_transf_matrix[2][2]   -0.00885334 
_atom_sites.fract_transf_matrix[2][3]   0.00910725 
_atom_sites.fract_transf_matrix[3][1]   -0.02004349 
_atom_sites.fract_transf_matrix[3][2]   0.02322212 
_atom_sites.fract_transf_matrix[3][3]   0.01894420 
_atom_sites.fract_transf_vector[1]      -0.063515 
_atom_sites.fract_transf_vector[2]      -0.133894 
_atom_sites.fract_transf_vector[3]      -0.053195 
_atom_sites.solution_primary            ? 
_atom_sites.solution_secondary          ? 
_atom_sites.solution_hydrogens          ? 
_atom_sites.special_details             ? 
# 
loop_
_atom_type.symbol 
C  
CO 
N  
O  
S  
# 
loop_
_atom_site.group_PDB 
_atom_site.id 
_atom_site.type_symbol 
_atom_site.label_atom_id 
_atom_site.label_alt_id 
_atom_site.label_comp_id 
_atom_site.label_asym_id 
_atom_site.label_entity_id 
_atom_site.label_seq_id 
_atom_site.pdbx_PDB_ins_code 
_atom_site.Cartn_x 
_atom_site.Cartn_y 
_atom_site.Cartn_z 
_atom_site.occupancy 
_atom_site.B_iso_or_equiv 
_atom_site.pdbx_formal_charge 
_atom_site.auth_seq_id 
_atom_site.auth_comp_id 
_atom_site.auth_asym_id 
_atom_site.auth_atom_id 
_atom_site.pdbx_PDB_model_num 
ATOM   1   N  N   . GLY A 1 1  ? 14.092  4.641   1.767   1.00 14.94 ? -1  GLY A N   1 
ATOM   2   C  CA  . GLY A 1 1  ? 13.316  4.370   0.496   1.00 13.19 ? -1  GLY A CA  1 
ATOM   3   C  C   . GLY A 1 1  ? 13.090  2.879   0.346   1.00 12.40 ? -1  GLY A C   1 
ATOM   4   O  O   . GLY A 1 1  ? 13.653  2.073   1.127   1.00 14.47 ? -1  GLY A O   1 
ATOM   5   N  N   . SER A 1 2  ? 12.303  2.437   -0.639  1.00 13.45 ? 0   SER A N   1 
ATOM   6   C  CA  . SER A 1 2  ? 12.060  0.984   -0.932  1.00 13.34 ? 0   SER A CA  1 
ATOM   7   C  C   . SER A 1 2  ? 11.520  0.267   0.319   1.00 14.15 ? 0   SER A C   1 
ATOM   8   O  O   . SER A 1 2  ? 11.915  -0.845  0.664   1.00 14.19 ? 0   SER A O   1 
ATOM   9   C  CB  . SER A 1 2  ? 13.343  0.329   -1.432  1.00 14.09 ? 0   SER A CB  1 
ATOM   10  O  OG  . SER A 1 2  ? 13.731  0.973   -2.627  1.00 14.01 ? 0   SER A OG  1 
ATOM   11  N  N   . SER A 1 3  ? 10.700  0.946   1.072   1.00 15.63 ? 1   SER A N   1 
ATOM   12  C  CA  . SER A 1 3  ? 10.264  0.484   2.428   1.00 15.11 ? 1   SER A CA  1 
ATOM   13  C  C   . SER A 1 3  ? 8.948   1.102   2.879   1.00 15.06 ? 1   SER A C   1 
ATOM   14  O  O   . SER A 1 3  ? 8.476   2.113   2.371   1.00 14.98 ? 1   SER A O   1 
ATOM   15  C  CB  . SER A 1 3  ? 11.352  0.767   3.474   1.00 14.99 ? 1   SER A CB  1 
ATOM   16  O  OG  . SER A 1 3  ? 11.471  2.158   3.739   1.00 14.77 ? 1   SER A OG  1 
ATOM   17  N  N   . CYS A 1 4  ? 8.356   0.462   3.852   1.00 16.33 ? 2   CYS A N   1 
ATOM   18  C  CA  . CYS A 1 4  ? 7.196   0.968   4.579   1.00 15.06 ? 2   CYS A CA  1 
ATOM   19  C  C   . CYS A 1 4  ? 7.366   0.724   6.077   1.00 13.21 ? 2   CYS A C   1 
ATOM   20  O  O   . CYS A 1 4  ? 8.183   -0.062  6.510   1.00 13.67 ? 2   CYS A O   1 
ATOM   21  C  CB  . CYS A 1 4  ? 5.938   0.326   4.012   1.00 14.34 ? 2   CYS A CB  1 
ATOM   22  S  SG  . CYS A 1 4  ? 5.769   -1.430  3.965   1.00 14.14 ? 2   CYS A SG  1 
ATOM   23  N  N   . THR A 1 5  ? 6.588   1.389   6.879   1.00 14.19 ? 3   THR A N   1 
ATOM   24  C  CA  . THR A 1 5  ? 6.557   1.161   8.307   1.00 15.45 ? 3   THR A CA  1 
ATOM   25  C  C   . THR A 1 5  ? 5.703   -0.053  8.705   1.00 13.97 ? 3   THR A C   1 
ATOM   26  O  O   . THR A 1 5  ? 4.463   -0.079  8.462   1.00 13.03 ? 3   THR A O   1 
ATOM   27  C  CB  . THR A 1 5  ? 6.022   2.387   9.004   1.00 16.97 ? 3   THR A CB  1 
ATOM   28  O  OG1 . THR A 1 5  ? 6.781   3.521   8.591   1.00 19.03 ? 3   THR A OG1 1 
ATOM   29  C  CG2 . THR A 1 5  ? 6.101   2.219   10.467  1.00 18.70 ? 3   THR A CG2 1 
ATOM   30  N  N   . PRO A 1 6  ? 6.333   -1.067  9.312   1.00 15.22 ? 4   PRO A N   1 
ATOM   31  C  CA  . PRO A 1 6  ? 5.585   -2.310  9.616   1.00 15.09 ? 4   PRO A CA  1 
ATOM   32  C  C   . PRO A 1 6  ? 4.225   -2.173  10.241  1.00 15.59 ? 4   PRO A C   1 
ATOM   33  O  O   . PRO A 1 6  ? 4.055   -1.489  11.245  1.00 15.27 ? 4   PRO A O   1 
ATOM   34  C  CB  . PRO A 1 6  ? 6.531   -3.021  10.580  1.00 16.50 ? 4   PRO A CB  1 
ATOM   35  C  CG  . PRO A 1 6  ? 7.879   -2.590  10.144  1.00 15.90 ? 4   PRO A CG  1 
ATOM   36  C  CD  . PRO A 1 6  ? 7.763   -1.219  9.655   1.00 16.42 ? 4   PRO A CD  1 
ATOM   37  N  N   . GLY A 1 7  ? 3.255   -2.852  9.655   1.00 15.82 ? 5   GLY A N   1 
ATOM   38  C  CA  . GLY A 1 7  ? 1.920   -2.905  10.123  1.00 15.32 ? 5   GLY A CA  1 
ATOM   39  C  C   . GLY A 1 7  ? 1.053   -1.679  9.891   1.00 16.48 ? 5   GLY A C   1 
ATOM   40  O  O   . GLY A 1 7  ? -0.165  -1.720  10.148  1.00 16.62 ? 5   GLY A O   1 
ATOM   41  N  N   . THR A 1 8  ? 1.656   -0.635  9.343   1.00 15.61 ? 6   THR A N   1 
ATOM   42  C  CA  . THR A 1 8  ? 0.898   0.563   8.901   1.00 15.28 ? 6   THR A CA  1 
ATOM   43  C  C   . THR A 1 8  ? 0.042   0.268   7.709   1.00 17.68 ? 6   THR A C   1 
ATOM   44  O  O   . THR A 1 8  ? 0.274   -0.647  6.929   1.00 14.07 ? 6   THR A O   1 
ATOM   45  C  CB  . THR A 1 8  ? 1.800   1.803   8.659   1.00 16.68 ? 6   THR A CB  1 
ATOM   46  O  OG1 . THR A 1 8  ? 2.808   1.585   7.655   1.00 16.78 ? 6   THR A OG1 1 
ATOM   47  C  CG2 . THR A 1 8  ? 2.504   2.193   9.961   1.00 15.71 ? 6   THR A CG2 1 
ATOM   48  N  N   . THR A 1 9  ? -0.992  1.090   7.509   1.00 17.55 ? 7   THR A N   1 
ATOM   49  C  CA  . THR A 1 9  ? -1.679  1.061   6.202   1.00 20.08 ? 7   THR A CA  1 
ATOM   50  C  C   . THR A 1 9  ? -1.303  2.384   5.543   1.00 20.11 ? 7   THR A C   1 
ATOM   51  O  O   . THR A 1 9  ? -0.993  3.430   6.221   1.00 18.98 ? 7   THR A O   1 
ATOM   52  C  CB  . THR A 1 9  ? -3.212  0.901   6.271   1.00 25.26 ? 7   THR A CB  1 
ATOM   53  O  OG1 . THR A 1 9  ? -3.773  2.084   6.868   1.00 34.82 ? 7   THR A OG1 1 
ATOM   54  C  CG2 . THR A 1 9  ? -3.586  -0.218  7.109   1.00 25.28 ? 7   THR A CG2 1 
ATOM   55  N  N   . PHE A 1 10 ? -1.379  2.345   4.230   1.00 18.10 ? 8   PHE A N   1 
ATOM   56  C  CA  . PHE A 1 10 ? -1.114  3.446   3.366   1.00 18.33 ? 8   PHE A CA  1 
ATOM   57  C  C   . PHE A 1 10 ? -1.875  3.316   2.055   1.00 18.39 ? 8   PHE A C   1 
ATOM   58  O  O   . PHE A 1 10 ? -2.390  2.220   1.654   1.00 17.32 ? 8   PHE A O   1 
ATOM   59  C  CB  . PHE A 1 10 ? 0.391   3.652   3.080   1.00 19.59 ? 8   PHE A CB  1 
ATOM   60  C  CG  . PHE A 1 10 ? 1.049   2.498   2.390   1.00 17.69 ? 8   PHE A CG  1 
ATOM   61  C  CD1 . PHE A 1 10 ? 1.569   1.416   3.155   1.00 18.88 ? 8   PHE A CD1 1 
ATOM   62  C  CD2 . PHE A 1 10 ? 1.217   2.509   1.037   1.00 17.90 ? 8   PHE A CD2 1 
ATOM   63  C  CE1 . PHE A 1 10 ? 2.229   0.360   2.537   1.00 19.58 ? 8   PHE A CE1 1 
ATOM   64  C  CE2 . PHE A 1 10 ? 1.858   1.431   0.411   1.00 18.60 ? 8   PHE A CE2 1 
ATOM   65  C  CZ  . PHE A 1 10 ? 2.356   0.351   1.161   1.00 18.14 ? 8   PHE A CZ  1 
ATOM   66  N  N   . ARG A 1 11 ? -1.933  4.442   1.380   1.00 20.57 ? 9   ARG A N   1 
ATOM   67  C  CA  . ARG A 1 11 ? -2.653  4.522   0.111   1.00 21.16 ? 9   ARG A CA  1 
ATOM   68  C  C   . ARG A 1 11 ? -1.666  4.687   -1.032  1.00 18.79 ? 9   ARG A C   1 
ATOM   69  O  O   . ARG A 1 11 ? -0.634  5.450   -0.974  1.00 22.48 ? 9   ARG A O   1 
ATOM   70  C  CB  . ARG A 1 11 ? -3.656  5.714   0.175   1.00 23.48 ? 9   ARG A CB  1 
ATOM   71  N  N   . ASN A 1 12 ? -2.038  4.093   -2.154  1.00 16.29 ? 10  ASN A N   1 
ATOM   72  C  CA  . ASN A 1 12 ? -1.310  4.277   -3.373  1.00 16.83 ? 10  ASN A CA  1 
ATOM   73  C  C   . ASN A 1 12 ? -2.351  4.532   -4.437  1.00 18.25 ? 10  ASN A C   1 
ATOM   74  O  O   . ASN A 1 12 ? -3.001  3.562   -4.858  1.00 16.73 ? 10  ASN A O   1 
ATOM   75  C  CB  . ASN A 1 12 ? -0.451  3.070   -3.770  1.00 19.77 ? 10  ASN A CB  1 
ATOM   76  C  CG  . ASN A 1 12 ? 0.344   3.333   -5.038  1.00 21.06 ? 10  ASN A CG  1 
ATOM   77  O  OD1 . ASN A 1 12 ? -0.151  3.928   -5.990  1.00 21.84 ? 10  ASN A OD1 1 
ATOM   78  N  ND2 . ASN A 1 12 ? 1.616   2.962   -5.030  1.00 22.43 ? 10  ASN A ND2 1 
ATOM   79  N  N   . ARG A 1 13 ? -2.515  5.790   -4.910  1.00 18.36 ? 11  ARG A N   1 
ATOM   80  C  CA  . ARG A 1 13 ? -3.592  6.103   -5.830  1.00 18.11 ? 11  ARG A CA  1 
ATOM   81  C  C   . ARG A 1 13 ? -4.970  5.668   -5.185  1.00 19.25 ? 11  ARG A C   1 
ATOM   82  O  O   . ARG A 1 13 ? -5.283  6.095   -4.066  1.00 18.93 ? 11  ARG A O   1 
ATOM   83  C  CB  . ARG A 1 13 ? -3.290  5.557   -7.196  1.00 20.89 ? 11  ARG A CB  1 
ATOM   84  C  CG  . ARG A 1 13 ? -2.106  6.267   -7.964  1.00 23.69 ? 11  ARG A CG  1 
ATOM   85  C  CD  . ARG A 1 13 ? -1.724  5.786   -9.316  1.00 27.21 ? 11  ARG A CD  1 
ATOM   86  N  NE  . ARG A 1 13 ? -1.790  4.356   -9.246  1.00 36.16 ? 11  ARG A NE  1 
ATOM   87  C  CZ  . ARG A 1 13 ? -2.459  3.520   -10.060 1.00 34.72 ? 11  ARG A CZ  1 
ATOM   88  N  NH1 . ARG A 1 13 ? -3.024  3.953   -11.200 1.00 31.18 ? 11  ARG A NH1 1 
ATOM   89  N  NH2 . ARG A 1 13 ? -2.499  2.212   -9.702  1.00 31.76 ? 11  ARG A NH2 1 
ATOM   90  N  N   . CYS A 1 14 ? -5.778  4.771   -5.837  1.00 15.39 ? 12  CYS A N   1 
ATOM   91  C  CA  . CYS A 1 14 ? -7.050  4.419   -5.333  1.00 14.46 ? 12  CYS A CA  1 
ATOM   92  C  C   . CYS A 1 14 ? -6.973  3.192   -4.477  1.00 14.71 ? 12  CYS A C   1 
ATOM   93  O  O   . CYS A 1 14 ? -8.005  2.745   -3.942  1.00 14.59 ? 12  CYS A O   1 
ATOM   94  C  CB  . CYS A 1 14 ? -8.055  4.227   -6.497  1.00 14.34 ? 12  CYS A CB  1 
ATOM   95  S  SG  . CYS A 1 14 ? -7.864  2.716   -7.468  1.00 15.02 ? 12  CYS A SG  1 
ATOM   96  N  N   . ASN A 1 15 ? -5.781  2.600   -4.383  1.00 12.99 ? 13  ASN A N   1 
ATOM   97  C  CA  . ASN A 1 15 ? -5.574  1.353   -3.617  1.00 13.03 ? 13  ASN A CA  1 
ATOM   98  C  C   . ASN A 1 15 ? -5.116  1.571   -2.194  1.00 14.94 ? 13  ASN A C   1 
ATOM   99  O  O   . ASN A 1 15 ? -4.543  2.653   -1.832  1.00 15.08 ? 13  ASN A O   1 
ATOM   100 C  CB  . ASN A 1 15 ? -4.667  0.388   -4.396  1.00 12.86 ? 13  ASN A CB  1 
ATOM   101 C  CG  . ASN A 1 15 ? -5.395  -0.212  -5.537  1.00 12.69 ? 13  ASN A CG  1 
ATOM   102 O  OD1 . ASN A 1 15 ? -6.485  -0.820  -5.312  1.00 12.47 ? 13  ASN A OD1 1 
ATOM   103 N  ND2 . ASN A 1 15 ? -4.934  0.043   -6.740  1.00 12.61 ? 13  ASN A ND2 1 
ATOM   104 N  N   . THR A 1 16 ? -5.514  0.611   -1.362  1.00 15.42 ? 14  THR A N   1 
ATOM   105 C  CA  . THR A 1 16 ? -5.033  0.648   0.026   1.00 15.39 ? 14  THR A CA  1 
ATOM   106 C  C   . THR A 1 16 ? -4.098  -0.566  0.305   1.00 14.71 ? 14  THR A C   1 
ATOM   107 O  O   . THR A 1 16 ? -4.324  -1.715  -0.194  1.00 13.29 ? 14  THR A O   1 
ATOM   108 C  CB  . THR A 1 16 ? -6.204  0.580   1.012   1.00 17.63 ? 14  THR A CB  1 
ATOM   109 O  OG1 . THR A 1 16 ? -6.931  -0.593  0.764   1.00 25.26 ? 14  THR A OG1 1 
ATOM   110 C  CG2 . THR A 1 16 ? -7.251  1.678   0.764   1.00 19.84 ? 14  THR A CG2 1 
ATOM   111 N  N   . CYS A 1 17 ? -3.145  -0.332  1.189   1.00 12.59 ? 15  CYS A N   1 
ATOM   112 C  CA  . CYS A 1 17 ? -2.045  -1.289  1.385   1.00 15.04 ? 15  CYS A CA  1 
ATOM   113 C  C   . CYS A 1 17 ? -1.745  -1.419  2.875   1.00 14.16 ? 15  CYS A C   1 
ATOM   114 O  O   . CYS A 1 17 ? -1.953  -0.465  3.634   1.00 15.45 ? 15  CYS A O   1 
ATOM   115 C  CB  . CYS A 1 17 ? -0.774  -0.779  0.692   1.00 15.85 ? 15  CYS A CB  1 
ATOM   116 S  SG  . CYS A 1 17 ? -0.816  -0.508  -1.104  1.00 17.14 ? 15  CYS A SG  1 
ATOM   117 N  N   . ARG A 1 18 ? -1.340  -2.606  3.277   1.00 13.75 ? 16  ARG A N   1 
ATOM   118 C  CA  A ARG A 1 18 ? -0.900  -2.890  4.641   0.50 14.74 ? 16  ARG A CA  1 
ATOM   119 C  CA  B ARG A 1 18 ? -0.913  -2.900  4.637   0.50 14.27 ? 16  ARG A CA  1 
ATOM   120 C  C   . ARG A 1 18 ? 0.537   -3.366  4.552   1.00 13.50 ? 16  ARG A C   1 
ATOM   121 O  O   . ARG A 1 18 ? 0.829   -4.382  3.882   1.00 13.53 ? 16  ARG A O   1 
ATOM   122 C  CB  A ARG A 1 18 ? -1.774  -3.951  5.329   0.50 16.98 ? 16  ARG A CB  1 
ATOM   123 C  CB  B ARG A 1 18 ? -1.826  -3.970  5.250   0.50 15.48 ? 16  ARG A CB  1 
ATOM   124 C  CG  A ARG A 1 18 ? -1.326  -4.203  6.780   0.50 18.18 ? 16  ARG A CG  1 
ATOM   125 C  CG  B ARG A 1 18 ? -1.314  -4.540  6.574   0.50 16.24 ? 16  ARG A CG  1 
ATOM   126 C  CD  A ARG A 1 18 ? -1.760  -5.572  7.338   0.50 21.21 ? 16  ARG A CD  1 
ATOM   127 C  CD  B ARG A 1 18 ? -1.794  -3.788  7.775   0.50 17.00 ? 16  ARG A CD  1 
ATOM   128 N  NE  A ARG A 1 18 ? -1.943  -6.714  6.406   0.50 23.29 ? 16  ARG A NE  1 
ATOM   129 N  NE  B ARG A 1 18 ? -3.247  -3.569  7.826   0.50 18.80 ? 16  ARG A NE  1 
ATOM   130 C  CZ  A ARG A 1 18 ? -1.002  -7.378  5.716   0.50 23.83 ? 16  ARG A CZ  1 
ATOM   131 C  CZ  B ARG A 1 18 ? -3.826  -2.668  8.618   0.50 18.97 ? 16  ARG A CZ  1 
ATOM   132 N  NH1 A ARG A 1 18 ? -1.377  -8.377  4.936   0.50 25.95 ? 16  ARG A NH1 1 
ATOM   133 N  NH1 B ARG A 1 18 ? -3.088  -1.830  9.391   0.50 19.14 ? 16  ARG A NH1 1 
ATOM   134 N  NH2 A ARG A 1 18 ? 0.252   -6.996  5.692   0.50 23.52 ? 16  ARG A NH2 1 
ATOM   135 N  NH2 B ARG A 1 18 ? -5.139  -2.524  8.555   0.50 19.33 ? 16  ARG A NH2 1 
ATOM   136 N  N   . CYS A 1 19 ? 1.398   -2.635  5.231   1.00 13.89 ? 17  CYS A N   1 
ATOM   137 C  CA  . CYS A 1 19 ? 2.824   -2.902  5.338   1.00 12.88 ? 17  CYS A CA  1 
ATOM   138 C  C   . CYS A 1 19 ? 3.071   -4.179  6.127   1.00 13.71 ? 17  CYS A C   1 
ATOM   139 O  O   . CYS A 1 19 ? 2.504   -4.350  7.170   1.00 12.68 ? 17  CYS A O   1 
ATOM   140 C  CB  . CYS A 1 19 ? 3.557   -1.704  5.961   1.00 12.90 ? 17  CYS A CB  1 
ATOM   141 S  SG  . CYS A 1 19 ? 5.327   -1.874  5.890   1.00 13.78 ? 17  CYS A SG  1 
ATOM   142 N  N   . GLY A 1 20 ? 3.929   -5.050  5.530   1.00 14.17 ? 18  GLY A N   1 
ATOM   143 C  CA  . GLY A 1 20 ? 4.372   -6.295  6.141   1.00 17.24 ? 18  GLY A CA  1 
ATOM   144 C  C   . GLY A 1 20 ? 5.246   -6.106  7.389   1.00 18.22 ? 18  GLY A C   1 
ATOM   145 O  O   . GLY A 1 20 ? 5.746   -4.991  7.671   1.00 13.89 ? 18  GLY A O   1 
ATOM   146 N  N   . SER A 1 21 ? 5.532   -7.204  8.096   1.00 17.75 ? 19  SER A N   1 
ATOM   147 C  CA  . SER A 1 21 ? 6.328   -7.122  9.321   1.00 16.76 ? 19  SER A CA  1 
ATOM   148 C  C   . SER A 1 21 ? 7.747   -6.658  9.151   1.00 16.43 ? 19  SER A C   1 
ATOM   149 O  O   . SER A 1 21 ? 8.298   -6.046  10.077  1.00 16.58 ? 19  SER A O   1 
ATOM   150 C  CB  . SER A 1 21 ? 6.308   -8.446  10.066  1.00 18.39 ? 19  SER A CB  1 
ATOM   151 O  OG  . SER A 1 21 ? 6.726   -9.482  9.233   1.00 19.87 ? 19  SER A OG  1 
ATOM   152 N  N   A ASN A 1 22 ? 8.257   -6.908  7.939   0.50 16.34 ? 20  ASN A N   1 
ATOM   153 N  N   B ASN A 1 22 ? 8.405   -6.903  8.028   0.50 16.77 ? 20  ASN A N   1 
ATOM   154 C  CA  A ASN A 1 22 ? 9.604   -6.570  7.509   0.50 17.98 ? 20  ASN A CA  1 
ATOM   155 C  CA  B ASN A 1 22 ? 9.799   -6.404  7.918   0.50 18.71 ? 20  ASN A CA  1 
ATOM   156 C  C   A ASN A 1 22 ? 9.861   -5.135  7.078   0.50 18.01 ? 20  ASN A C   1 
ATOM   157 C  C   B ASN A 1 22 ? 9.911   -5.068  7.143   0.50 18.33 ? 20  ASN A C   1 
ATOM   158 O  O   A ASN A 1 22 ? 11.017  -4.653  7.041   0.50 17.17 ? 20  ASN A O   1 
ATOM   159 O  O   B ASN A 1 22 ? 11.039  -4.566  6.957   0.50 17.15 ? 20  ASN A O   1 
ATOM   160 C  CB  A ASN A 1 22 ? 10.039  -7.515  6.379   0.50 17.53 ? 20  ASN A CB  1 
ATOM   161 C  CB  B ASN A 1 22 ? 10.774  -7.457  7.355   0.50 18.99 ? 20  ASN A CB  1 
ATOM   162 C  CG  A ASN A 1 22 ? 9.161   -7.527  5.091   0.50 16.81 ? 20  ASN A CG  1 
ATOM   163 C  CG  B ASN A 1 22 ? 11.022  -8.650  8.284   0.50 23.00 ? 20  ASN A CG  1 
ATOM   164 O  OD1 A ASN A 1 22 ? 7.954   -7.052  4.874   0.50 11.44 ? 20  ASN A OD1 1 
ATOM   165 O  OD1 B ASN A 1 22 ? 11.093  -8.547  9.499   0.50 24.63 ? 20  ASN A OD1 1 
ATOM   166 N  ND2 A ASN A 1 22 ? 9.771   -8.299  4.198   0.50 21.27 ? 20  ASN A ND2 1 
ATOM   167 N  ND2 B ASN A 1 22 ? 11.192  -9.809  7.680   0.50 26.81 ? 20  ASN A ND2 1 
ATOM   168 N  N   . GLY A 1 23 ? 8.769   -4.466  6.718   1.00 16.37 ? 21  GLY A N   1 
ATOM   169 C  CA  . GLY A 1 23 ? 8.847   -3.159  6.075   1.00 17.50 ? 21  GLY A CA  1 
ATOM   170 C  C   . GLY A 1 23 ? 9.300   -3.143  4.640   1.00 15.55 ? 21  GLY A C   1 
ATOM   171 O  O   . GLY A 1 23 ? 9.636   -2.105  4.132   1.00 18.46 ? 21  GLY A O   1 
ATOM   172 N  N   . ARG A 1 24 ? 9.349   -4.293  4.008   1.00 13.92 ? 22  ARG A N   1 
ATOM   173 C  CA  . ARG A 1 24 ? 9.896   -4.425  2.690   1.00 18.33 ? 22  ARG A CA  1 
ATOM   174 C  C   . ARG A 1 24 ? 8.873   -4.944  1.693   1.00 17.98 ? 22  ARG A C   1 
ATOM   175 O  O   . ARG A 1 24 ? 9.197   -5.066  0.548   1.00 16.53 ? 22  ARG A O   1 
ATOM   176 C  CB  . ARG A 1 24 ? 11.107  -5.363  2.777   1.00 20.99 ? 22  ARG A CB  1 
ATOM   177 C  CG  . ARG A 1 24 ? 12.296  -4.628  3.421   1.00 26.64 ? 22  ARG A CG  1 
ATOM   178 C  CD  . ARG A 1 24 ? 13.528  -5.483  3.387   1.00 37.29 ? 22  ARG A CD  1 
ATOM   179 N  NE  . ARG A 1 24 ? 13.355  -6.810  3.987   1.00 46.75 ? 22  ARG A NE  1 
ATOM   180 C  CZ  . ARG A 1 24 ? 13.999  -7.260  5.076   1.00 54.67 ? 22  ARG A CZ  1 
ATOM   181 N  NH1 . ARG A 1 24 ? 13.748  -8.490  5.526   1.00 60.84 ? 22  ARG A NH1 1 
ATOM   182 N  NH2 . ARG A 1 24 ? 14.893  -6.503  5.730   1.00 66.86 ? 22  ARG A NH2 1 
ATOM   183 N  N   . SER A 1 25 ? 7.621   -5.194  2.145   1.00 17.69 ? 23  SER A N   1 
ATOM   184 C  CA  . SER A 1 25 ? 6.554   -5.581  1.268   1.00 14.99 ? 23  SER A CA  1 
ATOM   185 C  C   . SER A 1 25 ? 5.299   -4.992  1.810   1.00 14.60 ? 23  SER A C   1 
ATOM   186 O  O   . SER A 1 25 ? 5.242   -4.612  3.020   1.00 12.59 ? 23  SER A O   1 
ATOM   187 C  CB  . SER A 1 25 ? 6.434   -7.105  1.220   1.00 16.87 ? 23  SER A CB  1 
ATOM   188 O  OG  . SER A 1 25 ? 6.178   -7.600  2.531   1.00 21.03 ? 23  SER A OG  1 
ATOM   189 N  N   . ALA A 1 26 ? 4.280   -4.962  0.955   1.00 15.02 ? 24  ALA A N   1 
ATOM   190 C  CA  . ALA A 1 26 ? 2.941   -4.590  1.391   1.00 14.79 ? 24  ALA A CA  1 
ATOM   191 C  C   . ALA A 1 26 ? 1.892   -5.425  0.614   1.00 15.45 ? 24  ALA A C   1 
ATOM   192 O  O   . ALA A 1 26 ? 2.123   -5.833  -0.556  1.00 12.94 ? 24  ALA A O   1 
ATOM   193 C  CB  . ALA A 1 26 ? 2.699   -3.109  1.268   1.00 16.09 ? 24  ALA A CB  1 
ATOM   194 N  N   . SER A 1 27 ? 0.799   -5.741  1.339   1.00 14.17 ? 25  SER A N   1 
ATOM   195 C  CA  . SER A 1 27 ? -0.397  -6.321  0.766   1.00 15.55 ? 25  SER A CA  1 
ATOM   196 C  C   . SER A 1 27 ? -1.350  -5.167  0.339   1.00 15.25 ? 25  SER A C   1 
ATOM   197 O  O   . SER A 1 27 ? -1.876  -4.451  1.215   1.00 14.04 ? 25  SER A O   1 
ATOM   198 C  CB  . SER A 1 27 ? -1.105  -7.301  1.724   1.00 16.00 ? 25  SER A CB  1 
ATOM   199 O  OG  . SER A 1 27 ? -2.253  -7.843  1.095   1.00 16.27 ? 25  SER A OG  1 
ATOM   200 N  N   . CYS A 1 28 ? -1.569  -5.047  -0.969  1.00 13.14 ? 26  CYS A N   1 
ATOM   201 C  CA  . CYS A 1 28 ? -2.370  -4.027  -1.555  1.00 13.65 ? 26  CYS A CA  1 
ATOM   202 C  C   . CYS A 1 28 ? -3.576  -4.570  -2.364  1.00 14.27 ? 26  CYS A C   1 
ATOM   203 O  O   . CYS A 1 28 ? -3.524  -5.590  -3.056  1.00 14.58 ? 26  CYS A O   1 
ATOM   204 C  CB  . CYS A 1 28 ? -1.597  -3.124  -2.485  1.00 16.40 ? 26  CYS A CB  1 
ATOM   205 S  SG  . CYS A 1 28 ? -0.183  -2.296  -1.839  1.00 16.00 ? 26  CYS A SG  1 
ATOM   206 N  N   . THR A 1 29 ? -4.668  -3.856  -2.248  1.00 13.35 ? 27  THR A N   1 
ATOM   207 C  CA  . THR A 1 29 ? -5.793  -3.997  -3.292  1.00 13.66 ? 27  THR A CA  1 
ATOM   208 C  C   . THR A 1 29 ? -5.227  -3.744  -4.701  1.00 12.68 ? 27  THR A C   1 
ATOM   209 O  O   . THR A 1 29 ? -4.189  -3.013  -4.876  1.00 13.20 ? 27  THR A O   1 
ATOM   210 C  CB  . THR A 1 29 ? -7.035  -3.121  -2.966  1.00 12.65 ? 27  THR A CB  1 
ATOM   211 O  OG1 . THR A 1 29 ? -6.720  -1.741  -2.853  1.00 11.91 ? 27  THR A OG1 1 
ATOM   212 C  CG2 . THR A 1 29 ? -7.574  -3.527  -1.614  1.00 14.95 ? 27  THR A CG2 1 
ATOM   213 N  N   . LEU A 1 30 ? -5.948  -4.316  -5.677  1.00 13.25 ? 28  LEU A N   1 
ATOM   214 C  CA  . LEU A 1 30 ? -5.566  -4.298  -7.070  1.00 14.59 ? 28  LEU A CA  1 
ATOM   215 C  C   . LEU A 1 30 ? -6.532  -3.602  -8.029  1.00 15.00 ? 28  LEU A C   1 
ATOM   216 O  O   . LEU A 1 30 ? -6.646  -3.984  -9.206  1.00 16.04 ? 28  LEU A O   1 
ATOM   217 C  CB  . LEU A 1 30 ? -5.318  -5.768  -7.540  1.00 15.40 ? 28  LEU A CB  1 
ATOM   218 C  CG  . LEU A 1 30 ? -4.092  -6.449  -7.024  1.00 15.90 ? 28  LEU A CG  1 
ATOM   219 C  CD1 . LEU A 1 30 ? -4.178  -7.941  -7.290  1.00 16.23 ? 28  LEU A CD1 1 
ATOM   220 C  CD2 . LEU A 1 30 ? -2.756  -5.823  -7.446  1.00 15.52 ? 28  LEU A CD2 1 
ATOM   221 N  N   . MET A 1 31 ? -7.291  -2.630  -7.506  1.00 15.44 ? 29  MET A N   1 
ATOM   222 C  CA  . MET A 1 31 ? -8.236  -1.927  -8.318  1.00 16.82 ? 29  MET A CA  1 
ATOM   223 C  C   . MET A 1 31 ? -7.513  -1.097  -9.354  1.00 17.91 ? 29  MET A C   1 
ATOM   224 O  O   . MET A 1 31 ? -6.517  -0.451  -9.070  1.00 16.86 ? 29  MET A O   1 
ATOM   225 C  CB  . MET A 1 31 ? -9.135  -1.036  -7.485  1.00 16.20 ? 29  MET A CB  1 
ATOM   226 C  CG  . MET A 1 31 ? -9.997  -1.856  -6.560  1.00 20.30 ? 29  MET A CG  1 
ATOM   227 S  SD  . MET A 1 31 ? -11.035 -0.875  -5.474  1.00 26.42 ? 29  MET A SD  1 
ATOM   228 C  CE  . MET A 1 31 ? -9.807  -0.191  -4.333  1.00 29.28 ? 29  MET A CE  1 
ATOM   229 N  N   . ALA A 1 32 ? -8.037  -1.161  -10.591 1.00 18.55 ? 30  ALA A N   1 
ATOM   230 C  CA  . ALA A 1 32 ? -7.766  -0.125  -11.596 1.00 19.25 ? 30  ALA A CA  1 
ATOM   231 C  C   . ALA A 1 32 ? -8.227  1.259   -10.994 1.00 16.06 ? 30  ALA A C   1 
ATOM   232 O  O   . ALA A 1 32 ? -9.233  1.397   -10.335 1.00 16.38 ? 30  ALA A O   1 
ATOM   233 C  CB  . ALA A 1 32 ? -8.510  -0.476  -12.902 1.00 21.15 ? 30  ALA A CB  1 
ATOM   234 N  N   . CYS A 1 33 ? -7.398  2.232   -11.224 1.00 16.65 ? 31  CYS A N   1 
ATOM   235 C  CA  . CYS A 1 33 ? -7.510  3.526   -10.720 1.00 16.53 ? 31  CYS A CA  1 
ATOM   236 C  C   . CYS A 1 33 ? -7.692  4.590   -11.851 1.00 16.99 ? 31  CYS A C   1 
ATOM   237 O  O   . CYS A 1 33 ? -6.799  5.401   -12.051 1.00 16.07 ? 31  CYS A O   1 
ATOM   238 C  CB  . CYS A 1 33 ? -6.233  3.832   -9.937  1.00 16.48 ? 31  CYS A CB  1 
ATOM   239 S  SG  . CYS A 1 33 ? -6.101  2.856   -8.441  1.00 15.37 ? 31  CYS A SG  1 
ATOM   240 N  N   . PRO A 1 34 ? -8.886  4.599   -12.523 1.00 17.47 ? 32  PRO A N   1 
ATOM   241 C  CA  . PRO A 1 34 ? -9.045  5.695   -13.486 1.00 21.17 ? 32  PRO A CA  1 
ATOM   242 C  C   . PRO A 1 34 ? -9.122  7.081   -12.812 1.00 18.84 ? 32  PRO A C   1 
ATOM   243 O  O   . PRO A 1 34 ? -9.432  7.221   -11.590 1.00 15.58 ? 32  PRO A O   1 
ATOM   244 C  CB  . PRO A 1 34 ? -10.407 5.362   -14.124 1.00 19.80 ? 32  PRO A CB  1 
ATOM   245 C  CG  . PRO A 1 34 ? -11.212 4.728   -13.030 1.00 20.33 ? 32  PRO A CG  1 
ATOM   246 C  CD  . PRO A 1 34 ? -10.136 3.867   -12.368 1.00 19.79 ? 32  PRO A CD  1 
ATOM   247 N  N   . PRO A 1 35 ? -8.985  8.146   -13.639 1.00 21.22 ? 33  PRO A N   1 
ATOM   248 C  CA  . PRO A 1 35 ? -9.259  9.530   -13.173 1.00 17.98 ? 33  PRO A CA  1 
ATOM   249 C  C   . PRO A 1 35 ? -10.571 9.681   -12.422 1.00 18.91 ? 33  PRO A C   1 
ATOM   250 O  O   . PRO A 1 35 ? -11.618 9.176   -12.848 1.00 19.17 ? 33  PRO A O   1 
ATOM   251 C  CB  . PRO A 1 35 ? -9.249  10.322  -14.472 1.00 18.05 ? 33  PRO A CB  1 
ATOM   252 C  CG  . PRO A 1 35 ? -8.258  9.592   -15.306 1.00 18.56 ? 33  PRO A CG  1 
ATOM   253 C  CD  . PRO A 1 35 ? -8.625  8.125   -15.063 1.00 19.84 ? 33  PRO A CD  1 
ATOM   254 N  N   . GLY A 1 36 ? -10.495 10.344  -11.285 1.00 18.33 ? 34  GLY A N   1 
ATOM   255 C  CA  . GLY A 1 36 ? -11.574 10.522  -10.372 1.00 17.00 ? 34  GLY A CA  1 
ATOM   256 C  C   . GLY A 1 36 ? -11.701 9.486   -9.305  1.00 17.23 ? 34  GLY A C   1 
ATOM   257 O  O   . GLY A 1 36 ? -12.511 9.690   -8.378  1.00 17.56 ? 34  GLY A O   1 
ATOM   258 N  N   . SER A 1 37 ? -10.910 8.391   -9.394  1.00 16.87 ? 35  SER A N   1 
ATOM   259 C  CA  . SER A 1 37 ? -10.990 7.268   -8.390  1.00 15.05 ? 35  SER A CA  1 
ATOM   260 C  C   . SER A 1 37 ? -10.176 7.600   -7.163  1.00 15.96 ? 35  SER A C   1 
ATOM   261 O  O   . SER A 1 37 ? -10.306 6.943   -6.125  1.00 16.24 ? 35  SER A O   1 
ATOM   262 C  CB  . SER A 1 37 ? -10.578 5.929   -8.947  1.00 14.63 ? 35  SER A CB  1 
ATOM   263 O  OG  . SER A 1 37 ? -9.277  5.938   -9.428  1.00 13.16 ? 35  SER A OG  1 
ATOM   264 N  N   . TYR A 1 38 ? -9.390  8.649   -7.255  1.00 15.11 ? 36  TYR A N   1 
ATOM   265 C  CA  . TYR A 1 38 ? -8.593  9.136   -6.179  1.00 15.90 ? 36  TYR A CA  1 
ATOM   266 C  C   . TYR A 1 38 ? -8.180  10.588  -6.392  1.00 17.76 ? 36  TYR A C   1 
ATOM   267 O  O   . TYR A 1 38 ? -8.397  11.077  -7.509  1.00 17.68 ? 36  TYR A O   1 
ATOM   268 C  CB  . TYR A 1 38 ? -7.382  8.252   -6.053  1.00 16.77 ? 36  TYR A CB  1 
ATOM   269 C  CG  . TYR A 1 38 ? -6.399  8.369   -7.201  1.00 17.65 ? 36  TYR A CG  1 
ATOM   270 C  CD1 . TYR A 1 38 ? -6.616  7.715   -8.398  1.00 17.12 ? 36  TYR A CD1 1 
ATOM   271 C  CD2 . TYR A 1 38 ? -5.220  9.158   -7.059  1.00 17.45 ? 36  TYR A CD2 1 
ATOM   272 C  CE1 . TYR A 1 38 ? -5.717  7.825   -9.453  1.00 19.52 ? 36  TYR A CE1 1 
ATOM   273 C  CE2 . TYR A 1 38 ? -4.330  9.277   -8.067  1.00 18.74 ? 36  TYR A CE2 1 
ATOM   274 C  CZ  . TYR A 1 38 ? -4.558  8.606   -9.262  1.00 19.03 ? 36  TYR A CZ  1 
ATOM   275 O  OH  . TYR A 1 38 ? -3.665  8.785   -10.278 1.00 23.01 ? 36  TYR A OH  1 
ATOM   276 O  OXT . TYR A 1 38 ? -7.705  11.290  -5.452  1.00 16.72 ? 36  TYR A OXT 1 
HETATM 277 CO CO  . CO  B 2 .  ? 15.222  2.843   2.224   0.50 17.00 ? 101 CO  A CO  1 
HETATM 278 O  O   . HOH C 3 .  ? 4.915   -0.011  13.114  1.00 19.62 ? 201 HOH A O   1 
HETATM 279 O  O   . HOH C 3 .  ? 11.206  -4.778  -0.983  1.00 25.66 ? 202 HOH A O   1 
HETATM 280 O  O   . HOH C 3 .  ? 9.306   -9.659  10.951  1.00 41.92 ? 203 HOH A O   1 
HETATM 281 O  O   . HOH C 3 .  ? 12.751  -3.019  -0.439  1.00 23.80 ? 204 HOH A O   1 
HETATM 282 O  O   . HOH C 3 .  ? -7.607  13.865  -5.302  1.00 14.82 ? 205 HOH A O   1 
HETATM 283 O  O   . HOH C 3 .  ? -1.986  -2.303  -6.064  1.00 15.29 ? 206 HOH A O   1 
HETATM 284 O  O   . HOH C 3 .  ? 8.579   4.686   1.880   1.00 23.99 ? 207 HOH A O   1 
HETATM 285 O  O   . HOH C 3 .  ? 10.757  -0.067  7.105   1.00 22.70 ? 208 HOH A O   1 
HETATM 286 O  O   . HOH C 3 .  ? 14.072  2.704   4.021   1.00 14.74 ? 209 HOH A O   1 
HETATM 287 O  O   . HOH C 3 .  ? -4.111  0.068   -10.135 1.00 20.15 ? 210 HOH A O   1 
HETATM 288 O  O   . HOH C 3 .  ? 4.195   2.823   5.710   1.00 22.47 ? 211 HOH A O   1 
HETATM 289 O  O   . HOH C 3 .  ? 1.178   -6.473  8.177   1.00 26.35 ? 212 HOH A O   1 
HETATM 290 O  O   . HOH C 3 .  ? -2.456  -10.012 -0.510  1.00 18.42 ? 213 HOH A O   1 
HETATM 291 O  O   . HOH C 3 .  ? 9.845   3.144   5.686   1.00 27.18 ? 214 HOH A O   1 
HETATM 292 O  O   . HOH C 3 .  ? -13.167 8.276   -14.912 1.00 27.05 ? 215 HOH A O   1 
HETATM 293 O  O   . HOH C 3 .  ? 1.466   -4.788  -3.001  1.00 30.61 ? 216 HOH A O   1 
HETATM 294 O  O   . HOH C 3 .  ? -2.430  1.720   -6.830  1.00 15.70 ? 217 HOH A O   1 
HETATM 295 O  O   . HOH C 3 .  ? -9.495  6.620   -3.448  1.00 27.63 ? 218 HOH A O   1 
HETATM 296 O  O   . HOH C 3 .  ? -8.092  10.819  -2.701  1.00 45.80 ? 219 HOH A O   1 
HETATM 297 O  O   . HOH C 3 .  ? -7.816  10.924  -10.298 1.00 16.76 ? 220 HOH A O   1 
HETATM 298 O  O   . HOH C 3 .  ? -5.580  7.832   -13.073 1.00 29.01 ? 221 HOH A O   1 
HETATM 299 O  O   . HOH C 3 .  ? 11.820  5.473   3.454   1.00 35.15 ? 222 HOH A O   1 
HETATM 300 O  O   . HOH C 3 .  ? 4.367   -9.540  6.706   1.00 23.62 ? 223 HOH A O   1 
HETATM 301 O  O   . HOH C 3 .  ? -0.866  6.999   2.518   1.00 25.71 ? 224 HOH A O   1 
HETATM 302 O  O   . HOH C 3 .  ? -0.351  7.834   -4.222  1.00 23.85 ? 225 HOH A O   1 
HETATM 303 O  O   . HOH C 3 .  ? -5.047  12.012  -4.060  0.50 80.48 ? 226 HOH A O   1 
HETATM 304 O  O   . HOH C 3 .  ? -1.701  2.610   10.117  1.00 28.96 ? 227 HOH A O   1 
HETATM 305 O  O   . HOH C 3 .  ? -5.117  1.647   -13.258 1.00 32.57 ? 228 HOH A O   1 
HETATM 306 O  O   . HOH C 3 .  ? 14.506  -1.214  2.348   1.00 29.14 ? 229 HOH A O   1 
HETATM 307 O  O   . HOH C 3 .  ? -5.117  -3.486  2.251   1.00 35.83 ? 230 HOH A O   1 
HETATM 308 O  O   . HOH C 3 .  ? -0.551  0.097   -5.265  1.00 29.58 ? 231 HOH A O   1 
HETATM 309 O  O   . HOH C 3 .  ? -2.450  -1.714  -8.729  1.00 24.20 ? 232 HOH A O   1 
HETATM 310 O  O   . HOH C 3 .  ? -7.421  8.210   -1.503  1.00 41.96 ? 233 HOH A O   1 
HETATM 311 O  O   . HOH C 3 .  ? -1.641  9.849   -6.055  1.00 24.83 ? 234 HOH A O   1 
HETATM 312 O  O   . HOH C 3 .  ? 0.153   -3.965  -6.040  1.00 23.28 ? 235 HOH A O   1 
# 
